data_1J89
#
_entry.id   1J89
#
_cell.length_a   150.500
_cell.length_b   150.500
_cell.length_c   74.180
_cell.angle_alpha   90.00
_cell.angle_beta   90.00
_cell.angle_gamma   90.00
#
_symmetry.space_group_name_H-M   'P 43'
#
loop_
_entity.id
_entity.type
_entity.pdbx_description
1 polymer 'HIGH AFFINITY IMMUNOGLOBULIN EPSILON RECEPTOR ALPHA-SUBUNIT'
2 branched 2-acetamido-2-deoxy-beta-D-glucopyranose-(1-4)-2-acetamido-2-deoxy-beta-D-glucopyranose
3 branched beta-D-mannopyranose-(1-4)-2-acetamido-2-deoxy-beta-D-glucopyranose-(1-4)-2-acetamido-2-deoxy-beta-D-glucopyranose
4 non-polymer 2-acetamido-2-deoxy-beta-D-glucopyranose
#
_entity_poly.entity_id   1
_entity_poly.type   'polypeptide(L)'
_entity_poly.pdbx_seq_one_letter_code
;VPQKPKVSLNPPWNRIFKGENVTLTCNGNNFFEVSSTKWFHNGSLSEETNSSLNIVNAKFEDSGEYKCQHQQVNESEPVY
LEVFSDWLLLQASAEVVMEGQPLFLRCHGWRNWDVYKVIYYKDGEALKYWYENHNISITNATVEDSGTYYCTGKVWQLDY
ESEPLNITVIKA
;
_entity_poly.pdbx_strand_id   A,B,C,D,E
#
loop_
_chem_comp.id
_chem_comp.type
_chem_comp.name
_chem_comp.formula
BMA D-saccharide, beta linking beta-D-mannopyranose 'C6 H12 O6'
NAG D-saccharide, beta linking 2-acetamido-2-deoxy-beta-D-glucopyranose 'C8 H15 N O6'
#
# COMPACT_ATOMS: atom_id res chain seq x y z
N LYS A 4 35.52 12.75 -2.21
CA LYS A 4 34.85 13.05 -0.91
C LYS A 4 34.07 11.85 -0.41
N PRO A 5 34.77 10.90 0.25
CA PRO A 5 34.11 9.70 0.77
C PRO A 5 33.50 9.95 2.15
N LYS A 6 32.50 9.15 2.51
CA LYS A 6 31.85 9.30 3.80
C LYS A 6 31.53 7.92 4.40
N VAL A 7 32.19 7.61 5.50
CA VAL A 7 32.03 6.34 6.18
C VAL A 7 30.64 6.17 6.82
N SER A 8 29.95 5.11 6.42
CA SER A 8 28.63 4.80 6.95
C SER A 8 28.74 3.62 7.93
N LEU A 9 27.77 3.46 8.82
CA LEU A 9 27.81 2.35 9.77
C LEU A 9 26.53 1.53 9.76
N ASN A 10 26.62 0.31 10.26
CA ASN A 10 25.46 -0.58 10.32
C ASN A 10 25.68 -1.69 11.34
N PRO A 11 24.91 -1.69 12.44
CA PRO A 11 23.89 -0.72 12.86
C PRO A 11 24.33 0.75 12.78
N PRO A 12 23.37 1.69 12.90
CA PRO A 12 23.68 3.12 12.85
C PRO A 12 24.35 3.54 14.15
N TRP A 13 24.05 2.78 15.19
CA TRP A 13 24.57 2.97 16.54
C TRP A 13 26.08 3.08 16.61
N ASN A 14 26.61 4.25 16.98
CA ASN A 14 28.05 4.41 17.06
C ASN A 14 28.60 4.37 18.49
N ARG A 15 27.83 3.74 19.38
CA ARG A 15 28.17 3.56 20.80
C ARG A 15 27.74 2.13 21.08
N ILE A 16 28.68 1.20 21.14
CA ILE A 16 28.30 -0.19 21.34
C ILE A 16 28.92 -0.89 22.51
N PHE A 17 28.24 -1.94 22.97
CA PHE A 17 28.70 -2.75 24.09
C PHE A 17 29.94 -3.57 23.68
N LYS A 18 30.46 -4.34 24.64
CA LYS A 18 31.62 -5.17 24.42
C LYS A 18 31.22 -6.53 23.82
N GLY A 19 31.87 -6.89 22.73
CA GLY A 19 31.56 -8.16 22.10
C GLY A 19 30.60 -8.09 20.94
N GLU A 20 29.95 -6.93 20.74
CA GLU A 20 28.98 -6.74 19.64
C GLU A 20 29.69 -6.46 18.31
N ASN A 21 29.02 -6.70 17.19
CA ASN A 21 29.64 -6.45 15.88
C ASN A 21 29.06 -5.27 15.09
N VAL A 22 29.95 -4.56 14.41
CA VAL A 22 29.57 -3.40 13.61
C VAL A 22 30.30 -3.42 12.27
N THR A 23 29.68 -2.86 11.23
CA THR A 23 30.27 -2.83 9.89
C THR A 23 30.49 -1.41 9.33
N LEU A 24 31.72 -1.10 8.92
CA LEU A 24 32.03 0.22 8.38
C LEU A 24 32.19 0.18 6.86
N THR A 25 31.20 0.73 6.15
CA THR A 25 31.22 0.76 4.69
C THR A 25 31.73 2.13 4.18
N CYS A 26 32.63 2.11 3.20
CA CYS A 26 33.16 3.35 2.65
C CYS A 26 32.23 3.94 1.60
N ASN A 27 32.11 5.27 1.59
CA ASN A 27 31.23 5.97 0.66
C ASN A 27 30.69 5.12 -0.49
N GLY A 28 29.51 4.56 -0.25
CA GLY A 28 28.84 3.72 -1.22
C GLY A 28 27.63 3.12 -0.51
N ASN A 29 26.44 3.39 -1.03
CA ASN A 29 25.21 2.89 -0.40
C ASN A 29 25.02 1.37 -0.58
N ASN A 30 25.08 0.89 -1.81
CA ASN A 30 24.85 -0.53 -2.07
C ASN A 30 25.98 -1.28 -2.81
N PHE A 31 26.17 -0.97 -4.08
CA PHE A 31 27.18 -1.67 -4.87
C PHE A 31 28.35 -0.79 -5.33
N PHE A 32 29.56 -1.22 -4.99
CA PHE A 32 30.79 -0.51 -5.33
C PHE A 32 31.71 -1.39 -6.18
N GLU A 33 32.77 -0.81 -6.72
CA GLU A 33 33.67 -1.56 -7.60
C GLU A 33 35.12 -1.76 -7.15
N VAL A 34 35.80 -0.67 -6.85
CA VAL A 34 37.21 -0.72 -6.43
C VAL A 34 37.51 -1.67 -5.25
N SER A 35 38.74 -2.21 -5.27
CA SER A 35 39.24 -3.13 -4.25
C SER A 35 40.31 -2.42 -3.42
N SER A 36 40.61 -1.18 -3.81
CA SER A 36 41.61 -0.37 -3.12
C SER A 36 40.93 0.67 -2.23
N THR A 37 40.70 0.28 -0.99
CA THR A 37 40.07 1.15 -0.01
C THR A 37 41.01 1.18 1.20
N LYS A 38 41.18 2.37 1.76
CA LYS A 38 42.06 2.54 2.91
C LYS A 38 41.29 2.75 4.22
N TRP A 39 41.83 2.19 5.30
CA TRP A 39 41.22 2.33 6.62
C TRP A 39 42.29 2.79 7.59
N PHE A 40 41.98 3.80 8.40
CA PHE A 40 42.97 4.31 9.35
C PHE A 40 42.49 4.34 10.80
N HIS A 41 42.50 3.17 11.46
CA HIS A 41 42.10 3.05 12.86
C HIS A 41 43.06 3.75 13.82
N ASN A 42 42.65 4.93 14.31
CA ASN A 42 43.46 5.76 15.21
C ASN A 42 44.62 6.38 14.42
N GLY A 43 44.43 6.47 13.11
CA GLY A 43 45.46 7.02 12.23
C GLY A 43 46.28 5.91 11.58
N SER A 44 46.63 4.89 12.37
CA SER A 44 47.41 3.76 11.88
C SER A 44 46.70 3.01 10.76
N LEU A 45 47.36 2.89 9.61
CA LEU A 45 46.75 2.18 8.48
C LEU A 45 46.30 0.79 8.91
N SER A 46 45.25 0.29 8.27
CA SER A 46 44.69 -1.01 8.58
C SER A 46 45.05 -2.05 7.53
N GLU A 47 44.75 -3.32 7.84
CA GLU A 47 45.05 -4.45 6.96
C GLU A 47 43.96 -4.83 5.93
N GLU A 48 42.75 -4.29 6.09
CA GLU A 48 41.69 -4.60 5.14
C GLU A 48 41.78 -3.66 3.94
N THR A 49 41.27 -4.12 2.81
CA THR A 49 41.29 -3.35 1.58
C THR A 49 39.90 -3.25 0.99
N ASN A 50 39.10 -4.26 1.29
CA ASN A 50 37.72 -4.29 0.81
C ASN A 50 37.03 -3.01 1.31
N SER A 51 36.00 -2.53 0.62
CA SER A 51 35.30 -1.31 1.06
C SER A 51 34.51 -1.50 2.35
N SER A 52 34.24 -2.76 2.72
CA SER A 52 33.50 -3.05 3.94
C SER A 52 34.39 -3.63 5.04
N LEU A 53 34.71 -2.81 6.03
CA LEU A 53 35.55 -3.23 7.15
C LEU A 53 34.69 -3.70 8.32
N ASN A 54 34.64 -5.00 8.51
CA ASN A 54 33.84 -5.54 9.60
C ASN A 54 34.57 -5.49 10.93
N ILE A 55 33.79 -5.56 11.99
CA ILE A 55 34.28 -5.54 13.37
C ILE A 55 33.50 -6.61 14.10
N VAL A 56 34.21 -7.62 14.60
CA VAL A 56 33.54 -8.68 15.34
C VAL A 56 33.68 -8.43 16.82
N ASN A 57 33.45 -9.46 17.63
CA ASN A 57 33.53 -9.36 19.09
C ASN A 57 34.29 -8.13 19.56
N ALA A 58 33.52 -7.07 19.77
CA ALA A 58 33.99 -5.76 20.19
C ALA A 58 34.88 -5.70 21.42
N LYS A 59 36.14 -5.39 21.19
CA LYS A 59 37.15 -5.26 22.25
C LYS A 59 37.37 -3.77 22.42
N PHE A 60 37.55 -3.37 23.67
CA PHE A 60 37.75 -1.96 23.99
C PHE A 60 38.71 -1.25 23.04
N GLU A 61 39.67 -2.01 22.51
CA GLU A 61 40.67 -1.45 21.60
C GLU A 61 40.05 -1.00 20.28
N ASP A 62 38.91 -1.59 19.93
CA ASP A 62 38.23 -1.23 18.69
C ASP A 62 37.66 0.18 18.79
N SER A 63 37.44 0.64 20.01
CA SER A 63 36.91 1.99 20.21
C SER A 63 37.92 2.97 19.64
N GLY A 64 37.48 3.85 18.75
CA GLY A 64 38.44 4.79 18.19
C GLY A 64 37.95 5.60 17.02
N GLU A 65 38.90 6.22 16.32
CA GLU A 65 38.65 7.08 15.17
C GLU A 65 39.03 6.38 13.86
N TYR A 66 38.08 6.24 12.93
CA TYR A 66 38.33 5.58 11.65
C TYR A 66 38.13 6.50 10.43
N LYS A 67 38.57 6.00 9.25
CA LYS A 67 38.45 6.72 7.98
C LYS A 67 38.88 5.91 6.76
N CYS A 68 38.31 6.25 5.60
CA CYS A 68 38.65 5.60 4.35
C CYS A 68 38.97 6.63 3.26
N GLN A 69 39.85 6.23 2.35
CA GLN A 69 40.29 7.06 1.24
C GLN A 69 40.58 6.19 0.02
N HIS A 70 40.33 6.71 -1.17
CA HIS A 70 40.59 5.92 -2.38
C HIS A 70 41.94 6.24 -2.99
N GLN A 71 42.16 5.74 -4.20
CA GLN A 71 43.42 5.95 -4.92
C GLN A 71 43.74 7.45 -5.09
N GLN A 72 42.76 8.20 -5.57
CA GLN A 72 42.92 9.64 -5.79
C GLN A 72 41.77 10.43 -5.16
N VAL A 73 41.57 10.22 -3.86
CA VAL A 73 40.50 10.92 -3.14
C VAL A 73 41.02 11.29 -1.76
N ASN A 74 40.57 12.44 -1.25
CA ASN A 74 41.00 12.88 0.07
C ASN A 74 40.22 12.13 1.16
N GLU A 75 40.96 11.55 2.10
CA GLU A 75 40.38 10.77 3.20
C GLU A 75 39.10 11.35 3.82
N SER A 76 38.17 10.46 4.15
CA SER A 76 36.88 10.82 4.72
C SER A 76 36.97 11.42 6.11
N GLU A 77 35.93 12.15 6.50
CA GLU A 77 35.86 12.75 7.83
C GLU A 77 35.79 11.62 8.84
N PRO A 78 36.84 11.47 9.67
CA PRO A 78 36.90 10.41 10.69
C PRO A 78 35.57 10.23 11.43
N VAL A 79 35.37 9.05 11.99
CA VAL A 79 34.15 8.77 12.76
C VAL A 79 34.65 8.11 14.00
N TYR A 80 34.06 8.41 15.15
CA TYR A 80 34.52 7.80 16.39
C TYR A 80 33.57 6.71 16.87
N LEU A 81 34.14 5.58 17.28
CA LEU A 81 33.37 4.47 17.78
C LEU A 81 33.74 4.23 19.23
N GLU A 82 32.75 4.16 20.10
CA GLU A 82 33.02 3.92 21.52
C GLU A 82 32.35 2.62 21.97
N VAL A 83 33.08 1.82 22.75
CA VAL A 83 32.56 0.56 23.26
C VAL A 83 32.38 0.62 24.76
N PHE A 84 31.31 0.00 25.25
CA PHE A 84 30.97 0.05 26.66
C PHE A 84 30.66 -1.24 27.36
N SER A 85 30.76 -1.19 28.67
CA SER A 85 30.41 -2.32 29.52
C SER A 85 29.56 -1.68 30.60
N ASP A 86 28.29 -2.09 30.65
CA ASP A 86 27.32 -1.58 31.63
C ASP A 86 25.98 -2.26 31.44
N TRP A 87 25.06 -2.07 32.38
CA TRP A 87 23.75 -2.69 32.26
C TRP A 87 22.95 -2.10 31.10
N LEU A 88 22.81 -0.77 31.08
CA LEU A 88 22.10 -0.11 30.01
C LEU A 88 22.95 0.95 29.32
N LEU A 89 22.84 1.02 28.01
CA LEU A 89 23.60 2.02 27.25
C LEU A 89 22.62 2.78 26.37
N LEU A 90 22.69 4.10 26.37
CA LEU A 90 21.78 4.88 25.55
C LEU A 90 22.36 5.10 24.17
N GLN A 91 21.75 4.53 23.15
CA GLN A 91 22.26 4.68 21.79
C GLN A 91 21.52 5.74 20.98
N ALA A 92 22.28 6.52 20.21
CA ALA A 92 21.71 7.57 19.36
C ALA A 92 22.15 7.38 17.90
N SER A 93 21.22 7.65 17.00
CA SER A 93 21.44 7.53 15.57
C SER A 93 22.66 8.36 15.23
N ALA A 94 22.53 9.66 15.45
CA ALA A 94 23.61 10.59 15.22
C ALA A 94 23.62 11.43 16.49
N GLU A 95 24.76 12.03 16.84
CA GLU A 95 24.83 12.85 18.05
C GLU A 95 24.62 14.34 17.75
N VAL A 96 24.87 14.73 16.51
CA VAL A 96 24.70 16.12 16.08
C VAL A 96 23.78 16.14 14.86
N VAL A 97 22.77 16.99 14.88
CA VAL A 97 21.83 17.02 13.75
C VAL A 97 21.42 18.37 13.19
N MET A 98 21.10 18.39 11.89
CA MET A 98 20.65 19.60 11.17
C MET A 98 19.15 19.77 11.37
N GLU A 99 18.72 20.92 11.87
CA GLU A 99 17.29 21.14 12.12
C GLU A 99 16.46 20.50 11.01
N GLY A 100 15.47 19.67 11.38
CA GLY A 100 14.65 19.03 10.35
C GLY A 100 14.92 17.57 10.03
N GLN A 101 16.13 17.10 10.33
CA GLN A 101 16.51 15.70 10.08
C GLN A 101 15.87 14.71 11.06
N PRO A 102 16.11 13.41 10.85
CA PRO A 102 15.51 12.44 11.75
C PRO A 102 16.40 12.11 12.96
N LEU A 103 15.77 11.74 14.06
CA LEU A 103 16.50 11.39 15.26
C LEU A 103 15.97 10.13 15.96
N PHE A 104 16.82 9.13 16.19
CA PHE A 104 16.36 7.92 16.89
C PHE A 104 17.22 7.59 18.11
N LEU A 105 16.59 7.48 19.28
CA LEU A 105 17.31 7.13 20.50
C LEU A 105 16.89 5.76 20.97
N ARG A 106 17.80 5.02 21.59
CA ARG A 106 17.43 3.69 22.01
C ARG A 106 18.02 3.36 23.38
N CYS A 107 17.16 2.84 24.27
CA CYS A 107 17.61 2.46 25.61
C CYS A 107 18.00 1.01 25.39
N HIS A 108 19.31 0.77 25.30
CA HIS A 108 19.86 -0.57 25.03
C HIS A 108 20.30 -1.35 26.25
N GLY A 109 19.72 -2.54 26.38
CA GLY A 109 20.04 -3.40 27.49
C GLY A 109 21.31 -4.16 27.18
N TRP A 110 21.89 -4.81 28.20
CA TRP A 110 23.10 -5.59 28.01
C TRP A 110 22.76 -7.00 27.49
N ARG A 111 23.70 -7.60 26.75
CA ARG A 111 23.50 -8.92 26.17
C ARG A 111 22.15 -8.98 25.46
N ASN A 112 21.74 -7.84 24.93
CA ASN A 112 20.48 -7.75 24.22
C ASN A 112 19.35 -8.38 25.02
N TRP A 113 19.42 -8.32 26.34
CA TRP A 113 18.35 -8.87 27.17
C TRP A 113 17.10 -8.04 26.98
N ASP A 114 16.10 -8.26 27.84
CA ASP A 114 14.87 -7.49 27.74
C ASP A 114 14.71 -6.53 28.92
N VAL A 115 14.39 -5.27 28.61
CA VAL A 115 14.18 -4.25 29.64
C VAL A 115 12.71 -3.84 29.71
N TYR A 116 12.23 -3.64 30.93
CA TYR A 116 10.84 -3.27 31.17
C TYR A 116 10.74 -1.92 31.91
N LYS A 117 9.52 -1.42 32.07
CA LYS A 117 9.26 -0.15 32.77
C LYS A 117 10.25 0.93 32.36
N VAL A 118 10.33 1.17 31.05
CA VAL A 118 11.24 2.15 30.52
C VAL A 118 10.76 3.59 30.50
N ILE A 119 11.70 4.49 30.81
CA ILE A 119 11.46 5.94 30.82
C ILE A 119 12.69 6.65 30.27
N TYR A 120 12.49 7.53 29.31
CA TYR A 120 13.61 8.28 28.77
C TYR A 120 13.58 9.61 29.50
N TYR A 121 14.74 10.24 29.68
CA TYR A 121 14.78 11.54 30.35
C TYR A 121 15.60 12.55 29.55
N LYS A 122 15.06 13.76 29.41
CA LYS A 122 15.78 14.81 28.71
C LYS A 122 15.90 16.01 29.66
N ASP A 123 17.14 16.35 30.03
CA ASP A 123 17.42 17.44 30.93
C ASP A 123 16.73 17.27 32.28
N GLY A 124 16.92 16.11 32.90
CA GLY A 124 16.33 15.84 34.21
C GLY A 124 14.82 15.67 34.27
N GLU A 125 14.13 15.83 33.14
CA GLU A 125 12.67 15.69 33.06
C GLU A 125 12.22 14.33 32.54
N ALA A 126 11.12 13.83 33.09
CA ALA A 126 10.60 12.56 32.64
C ALA A 126 10.05 12.84 31.23
N LEU A 127 10.25 11.93 30.30
CA LEU A 127 9.78 12.21 28.95
C LEU A 127 8.79 11.26 28.35
N LYS A 128 9.18 10.00 28.19
CA LYS A 128 8.28 8.99 27.64
C LYS A 128 8.33 7.78 28.56
N TYR A 129 7.33 6.90 28.46
CA TYR A 129 7.31 5.70 29.30
C TYR A 129 6.59 4.50 28.67
N TRP A 130 7.14 3.29 28.87
CA TRP A 130 6.54 2.07 28.33
C TRP A 130 6.86 0.89 29.23
N TYR A 131 6.19 -0.23 28.97
CA TYR A 131 6.40 -1.47 29.72
C TYR A 131 7.47 -2.22 28.94
N GLU A 132 7.07 -3.03 27.96
CA GLU A 132 8.04 -3.69 27.11
C GLU A 132 8.61 -2.44 26.45
N ASN A 133 9.93 -2.25 26.47
CA ASN A 133 10.46 -0.99 25.94
C ASN A 133 10.25 -0.62 24.47
N HIS A 134 10.71 0.57 24.12
CA HIS A 134 10.53 1.07 22.78
C HIS A 134 11.80 1.78 22.29
N ASN A 135 11.66 2.58 21.23
CA ASN A 135 12.76 3.34 20.62
C ASN A 135 12.30 4.78 20.32
N ILE A 136 12.33 5.66 21.31
CA ILE A 136 11.90 7.06 21.09
C ILE A 136 12.46 7.61 19.75
N SER A 137 11.55 7.74 18.78
CA SER A 137 11.89 8.21 17.44
C SER A 137 11.44 9.61 17.07
N ILE A 138 12.22 10.24 16.22
CA ILE A 138 11.95 11.60 15.76
C ILE A 138 12.17 11.79 14.29
N THR A 139 11.11 12.19 13.57
CA THR A 139 11.19 12.40 12.13
C THR A 139 11.82 13.74 11.81
N ASN A 140 10.97 14.75 11.96
CA ASN A 140 11.29 16.15 11.76
C ASN A 140 11.91 16.63 13.06
N ALA A 141 13.17 17.06 13.04
CA ALA A 141 13.85 17.51 14.26
C ALA A 141 13.87 19.02 14.50
N THR A 142 13.42 19.39 15.70
CA THR A 142 13.37 20.78 16.14
C THR A 142 14.66 21.07 16.88
N VAL A 143 15.02 22.34 16.98
CA VAL A 143 16.25 22.65 17.69
C VAL A 143 16.05 22.49 19.19
N GLU A 144 14.80 22.58 19.65
CA GLU A 144 14.53 22.43 21.08
C GLU A 144 14.72 21.00 21.52
N ASP A 145 14.87 20.08 20.56
CA ASP A 145 15.10 18.67 20.88
C ASP A 145 16.51 18.45 21.40
N SER A 146 17.39 19.44 21.18
CA SER A 146 18.78 19.37 21.62
C SER A 146 18.84 19.36 23.13
N GLY A 147 19.54 18.38 23.71
CA GLY A 147 19.64 18.32 25.15
C GLY A 147 20.47 17.15 25.63
N THR A 148 20.34 16.81 26.91
CA THR A 148 21.09 15.70 27.47
C THR A 148 20.14 14.58 27.94
N TYR A 149 20.19 13.43 27.26
CA TYR A 149 19.30 12.32 27.56
C TYR A 149 19.94 11.16 28.33
N TYR A 150 19.09 10.31 28.92
CA TYR A 150 19.48 9.10 29.66
C TYR A 150 18.18 8.34 29.91
N CYS A 151 18.27 7.02 30.05
CA CYS A 151 17.05 6.23 30.27
C CYS A 151 17.12 5.33 31.51
N THR A 152 15.96 4.93 32.03
CA THR A 152 15.89 4.06 33.20
C THR A 152 14.98 2.86 32.92
N GLY A 153 15.33 1.71 33.48
CA GLY A 153 14.51 0.55 33.24
C GLY A 153 14.83 -0.60 34.18
N LYS A 154 13.96 -1.60 34.18
CA LYS A 154 14.10 -2.78 35.04
C LYS A 154 14.57 -4.00 34.23
N VAL A 155 15.75 -4.51 34.57
CA VAL A 155 16.38 -5.69 33.93
C VAL A 155 16.25 -6.83 34.92
N TRP A 156 15.70 -7.96 34.48
CA TRP A 156 15.50 -9.10 35.37
C TRP A 156 14.54 -8.60 36.42
N GLN A 157 15.09 -8.22 37.58
CA GLN A 157 14.29 -7.70 38.67
C GLN A 157 14.92 -6.52 39.42
N LEU A 158 15.84 -5.80 38.77
CA LEU A 158 16.47 -4.63 39.38
C LEU A 158 16.43 -3.42 38.45
N ASP A 159 16.41 -2.23 39.04
CA ASP A 159 16.37 -1.01 38.25
C ASP A 159 17.78 -0.54 37.89
N TYR A 160 17.92 0.08 36.73
CA TYR A 160 19.21 0.61 36.31
C TYR A 160 19.08 1.90 35.54
N GLU A 161 20.10 2.73 35.71
CA GLU A 161 20.16 4.03 35.08
C GLU A 161 21.28 3.96 34.02
N SER A 162 21.11 4.68 32.92
CA SER A 162 22.07 4.70 31.82
C SER A 162 22.99 5.90 31.92
N GLU A 163 24.15 5.81 31.26
CA GLU A 163 25.07 6.94 31.26
C GLU A 163 24.30 8.04 30.53
N PRO A 164 24.53 9.32 30.89
CA PRO A 164 23.84 10.46 30.26
C PRO A 164 24.46 10.83 28.91
N LEU A 165 23.63 11.27 27.96
CA LEU A 165 24.15 11.61 26.63
C LEU A 165 23.73 12.97 26.10
N ASN A 166 24.70 13.72 25.60
CA ASN A 166 24.44 15.03 25.03
C ASN A 166 24.06 14.96 23.57
N ILE A 167 23.14 15.82 23.15
CA ILE A 167 22.70 15.84 21.75
C ILE A 167 22.48 17.25 21.23
N THR A 168 23.10 17.58 20.11
CA THR A 168 22.91 18.93 19.61
C THR A 168 22.36 19.04 18.21
N VAL A 169 21.28 19.80 18.12
CA VAL A 169 20.63 20.04 16.84
C VAL A 169 20.93 21.47 16.44
N ILE A 170 21.76 21.64 15.40
CA ILE A 170 22.15 22.97 14.90
C ILE A 170 21.26 23.38 13.72
N LYS A 171 21.30 24.66 13.35
CA LYS A 171 20.45 25.12 12.22
C LYS A 171 21.22 25.72 11.03
N LYS B 4 -12.14 -1.51 -11.86
CA LYS B 4 -13.26 -2.03 -11.03
C LYS B 4 -13.41 -3.54 -11.17
N PRO B 5 -12.61 -4.33 -10.43
CA PRO B 5 -12.70 -5.79 -10.51
C PRO B 5 -13.78 -6.35 -9.58
N LYS B 6 -14.27 -7.54 -9.88
CA LYS B 6 -15.29 -8.16 -9.05
C LYS B 6 -15.04 -9.66 -8.95
N VAL B 7 -14.72 -10.09 -7.73
CA VAL B 7 -14.44 -11.51 -7.46
C VAL B 7 -15.64 -12.43 -7.62
N SER B 8 -15.49 -13.43 -8.49
CA SER B 8 -16.55 -14.39 -8.71
C SER B 8 -16.18 -15.71 -8.02
N LEU B 9 -17.16 -16.58 -7.78
CA LEU B 9 -16.89 -17.85 -7.14
C LEU B 9 -17.48 -19.02 -7.91
N ASN B 10 -16.94 -20.21 -7.66
CA ASN B 10 -17.41 -21.42 -8.32
C ASN B 10 -17.01 -22.65 -7.52
N PRO B 11 -18.00 -23.36 -6.94
CA PRO B 11 -19.44 -23.09 -6.93
C PRO B 11 -19.84 -21.68 -6.51
N PRO B 12 -21.10 -21.30 -6.75
CA PRO B 12 -21.56 -19.95 -6.38
C PRO B 12 -21.69 -19.87 -4.85
N TRP B 13 -21.91 -21.03 -4.23
CA TRP B 13 -22.07 -21.18 -2.78
C TRP B 13 -20.93 -20.54 -2.00
N ASN B 14 -21.24 -19.52 -1.20
CA ASN B 14 -20.22 -18.83 -0.40
C ASN B 14 -20.25 -19.22 1.09
N ARG B 15 -20.84 -20.38 1.35
CA ARG B 15 -20.98 -20.96 2.67
C ARG B 15 -20.67 -22.44 2.44
N ILE B 16 -19.49 -22.88 2.82
CA ILE B 16 -19.14 -24.27 2.56
C ILE B 16 -18.73 -25.10 3.76
N PHE B 17 -18.84 -26.42 3.62
CA PHE B 17 -18.46 -27.35 4.68
C PHE B 17 -16.94 -27.42 4.78
N LYS B 18 -16.46 -28.23 5.72
CA LYS B 18 -15.04 -28.41 5.95
C LYS B 18 -14.45 -29.46 5.00
N GLY B 19 -13.37 -29.09 4.32
CA GLY B 19 -12.72 -30.01 3.42
C GLY B 19 -13.12 -29.86 1.97
N GLU B 20 -14.16 -29.05 1.72
CA GLU B 20 -14.64 -28.85 0.34
C GLU B 20 -13.77 -27.84 -0.42
N ASN B 21 -13.81 -27.86 -1.76
CA ASN B 21 -13.00 -26.90 -2.53
C ASN B 21 -13.81 -25.83 -3.25
N VAL B 22 -13.25 -24.62 -3.31
CA VAL B 22 -13.87 -23.48 -3.97
C VAL B 22 -12.84 -22.68 -4.76
N THR B 23 -13.25 -22.08 -5.89
CA THR B 23 -12.35 -21.30 -6.76
C THR B 23 -12.71 -19.80 -6.88
N LEU B 24 -11.75 -18.93 -6.57
CA LEU B 24 -11.99 -17.49 -6.66
C LEU B 24 -11.34 -16.87 -7.89
N THR B 25 -12.17 -16.50 -8.87
CA THR B 25 -11.70 -15.89 -10.10
C THR B 25 -11.83 -14.38 -10.04
N CYS B 26 -10.78 -13.66 -10.44
CA CYS B 26 -10.81 -12.20 -10.42
C CYS B 26 -11.48 -11.66 -11.69
N ASN B 27 -12.26 -10.59 -11.54
CA ASN B 27 -12.99 -9.96 -12.64
C ASN B 27 -12.60 -10.44 -14.05
N GLY B 28 -13.31 -11.46 -14.52
CA GLY B 28 -13.07 -12.04 -15.83
C GLY B 28 -13.95 -13.28 -15.90
N ASN B 29 -14.86 -13.31 -16.85
CA ASN B 29 -15.79 -14.44 -17.00
C ASN B 29 -15.12 -15.72 -17.52
N ASN B 30 -14.39 -15.63 -18.62
CA ASN B 30 -13.75 -16.81 -19.20
C ASN B 30 -12.24 -16.71 -19.42
N PHE B 31 -11.81 -15.90 -20.39
CA PHE B 31 -10.39 -15.76 -20.71
C PHE B 31 -9.76 -14.41 -20.37
N PHE B 32 -8.70 -14.45 -19.56
CA PHE B 32 -7.98 -13.25 -19.14
C PHE B 32 -6.51 -13.32 -19.59
N GLU B 33 -5.79 -12.20 -19.44
CA GLU B 33 -4.41 -12.16 -19.89
C GLU B 33 -3.32 -11.95 -18.83
N VAL B 34 -3.44 -10.88 -18.04
CA VAL B 34 -2.45 -10.55 -17.01
C VAL B 34 -2.11 -11.69 -16.02
N SER B 35 -0.87 -11.66 -15.55
CA SER B 35 -0.35 -12.64 -14.58
C SER B 35 -0.15 -11.94 -13.23
N SER B 36 -0.43 -10.63 -13.21
CA SER B 36 -0.30 -9.84 -11.98
C SER B 36 -1.68 -9.57 -11.35
N THR B 37 -2.08 -10.48 -10.48
CA THR B 37 -3.36 -10.37 -9.79
C THR B 37 -3.04 -10.45 -8.30
N LYS B 38 -3.71 -9.61 -7.50
CA LYS B 38 -3.49 -9.57 -6.07
C LYS B 38 -4.64 -10.20 -5.28
N TRP B 39 -4.30 -10.89 -4.20
CA TRP B 39 -5.30 -11.52 -3.34
C TRP B 39 -5.02 -11.09 -1.92
N PHE B 40 -6.05 -10.69 -1.19
CA PHE B 40 -5.88 -10.25 0.20
C PHE B 40 -6.78 -10.96 1.22
N HIS B 41 -6.42 -12.20 1.58
CA HIS B 41 -7.14 -13.01 2.56
C HIS B 41 -7.05 -12.41 3.97
N ASN B 42 -8.14 -11.77 4.40
CA ASN B 42 -8.22 -11.11 5.72
C ASN B 42 -7.34 -9.86 5.69
N GLY B 43 -7.11 -9.34 4.49
CA GLY B 43 -6.28 -8.15 4.33
C GLY B 43 -4.85 -8.51 3.97
N SER B 44 -4.31 -9.52 4.65
CA SER B 44 -2.94 -9.98 4.42
C SER B 44 -2.73 -10.45 2.99
N LEU B 45 -1.76 -9.85 2.29
CA LEU B 45 -1.49 -10.25 0.92
C LEU B 45 -1.29 -11.76 0.82
N SER B 46 -1.63 -12.33 -0.35
CA SER B 46 -1.50 -13.76 -0.58
C SER B 46 -0.33 -14.09 -1.50
N GLU B 47 -0.02 -15.38 -1.58
CA GLU B 47 1.09 -15.87 -2.39
C GLU B 47 0.80 -16.20 -3.85
N GLU B 48 -0.49 -16.29 -4.21
CA GLU B 48 -0.83 -16.58 -5.59
C GLU B 48 -0.81 -15.29 -6.40
N THR B 49 -0.64 -15.42 -7.70
CA THR B 49 -0.59 -14.27 -8.61
C THR B 49 -1.54 -14.51 -9.77
N ASN B 50 -1.76 -15.78 -10.09
CA ASN B 50 -2.67 -16.14 -11.16
C ASN B 50 -4.04 -15.53 -10.84
N SER B 51 -4.85 -15.24 -11.85
CA SER B 51 -6.18 -14.65 -11.60
C SER B 51 -7.15 -15.61 -10.92
N SER B 52 -6.84 -16.91 -10.94
CA SER B 52 -7.69 -17.92 -10.32
C SER B 52 -7.05 -18.49 -9.05
N LEU B 53 -7.55 -18.06 -7.89
CA LEU B 53 -7.03 -18.54 -6.61
C LEU B 53 -7.86 -19.72 -6.10
N ASN B 54 -7.29 -20.91 -6.18
CA ASN B 54 -8.00 -22.09 -5.73
C ASN B 54 -7.89 -22.30 -4.24
N ILE B 55 -8.87 -23.04 -3.72
CA ILE B 55 -8.99 -23.39 -2.30
C ILE B 55 -9.29 -24.88 -2.21
N VAL B 56 -8.36 -25.64 -1.65
CA VAL B 56 -8.58 -27.07 -1.53
C VAL B 56 -9.10 -27.40 -0.14
N ASN B 57 -9.02 -28.66 0.26
CA ASN B 57 -9.54 -29.11 1.56
C ASN B 57 -9.74 -27.97 2.54
N ALA B 58 -10.96 -27.45 2.53
CA ALA B 58 -11.40 -26.32 3.35
C ALA B 58 -11.14 -26.35 4.85
N LYS B 59 -10.18 -25.55 5.31
CA LYS B 59 -9.83 -25.49 6.72
C LYS B 59 -10.47 -24.23 7.26
N PHE B 60 -11.00 -24.32 8.47
CA PHE B 60 -11.67 -23.20 9.10
C PHE B 60 -10.96 -21.87 8.87
N GLU B 61 -9.64 -21.92 8.79
CA GLU B 61 -8.85 -20.71 8.59
C GLU B 61 -9.13 -20.06 7.25
N ASP B 62 -9.58 -20.85 6.28
CA ASP B 62 -9.88 -20.32 4.94
C ASP B 62 -11.08 -19.39 4.99
N SER B 63 -11.93 -19.58 6.01
CA SER B 63 -13.11 -18.73 6.17
C SER B 63 -12.64 -17.30 6.35
N GLY B 64 -13.14 -16.38 5.53
CA GLY B 64 -12.72 -15.01 5.66
C GLY B 64 -13.13 -14.06 4.55
N GLU B 65 -12.44 -12.92 4.53
CA GLU B 65 -12.68 -11.85 3.58
C GLU B 65 -11.58 -11.80 2.52
N TYR B 66 -11.94 -11.89 1.25
CA TYR B 66 -10.96 -11.85 0.16
C TYR B 66 -11.16 -10.69 -0.83
N LYS B 67 -10.16 -10.46 -1.69
CA LYS B 67 -10.18 -9.41 -2.72
C LYS B 67 -9.01 -9.45 -3.70
N CYS B 68 -9.25 -8.91 -4.91
CA CYS B 68 -8.23 -8.86 -5.94
C CYS B 68 -8.15 -7.47 -6.55
N GLN B 69 -6.94 -7.11 -6.98
CA GLN B 69 -6.63 -5.82 -7.57
C GLN B 69 -5.54 -5.99 -8.62
N HIS B 70 -5.58 -5.18 -9.67
CA HIS B 70 -4.58 -5.27 -10.72
C HIS B 70 -3.48 -4.24 -10.53
N GLN B 71 -2.63 -4.09 -11.55
CA GLN B 71 -1.51 -3.14 -11.51
C GLN B 71 -1.97 -1.71 -11.23
N GLN B 72 -2.98 -1.25 -11.96
CA GLN B 72 -3.50 0.10 -11.78
C GLN B 72 -5.03 0.07 -11.69
N VAL B 73 -5.55 -0.70 -10.74
CA VAL B 73 -6.98 -0.81 -10.53
C VAL B 73 -7.24 -0.84 -9.03
N ASN B 74 -8.34 -0.24 -8.60
CA ASN B 74 -8.69 -0.22 -7.18
C ASN B 74 -9.27 -1.57 -6.76
N GLU B 75 -8.72 -2.13 -5.68
CA GLU B 75 -9.14 -3.42 -5.16
C GLU B 75 -10.64 -3.68 -5.16
N SER B 76 -11.02 -4.90 -5.51
CA SER B 76 -12.43 -5.32 -5.59
C SER B 76 -13.14 -5.32 -4.24
N GLU B 77 -14.47 -5.28 -4.29
CA GLU B 77 -15.29 -5.30 -3.08
C GLU B 77 -15.10 -6.67 -2.43
N PRO B 78 -14.49 -6.70 -1.23
CA PRO B 78 -14.26 -7.97 -0.52
C PRO B 78 -15.45 -8.92 -0.57
N VAL B 79 -15.18 -10.20 -0.38
CA VAL B 79 -16.25 -11.19 -0.35
C VAL B 79 -15.92 -12.04 0.86
N TYR B 80 -16.94 -12.47 1.60
CA TYR B 80 -16.67 -13.28 2.77
C TYR B 80 -17.01 -14.72 2.52
N LEU B 81 -16.13 -15.61 2.95
CA LEU B 81 -16.34 -17.03 2.78
C LEU B 81 -16.46 -17.64 4.17
N GLU B 82 -17.49 -18.45 4.40
CA GLU B 82 -17.64 -19.11 5.70
C GLU B 82 -17.62 -20.63 5.55
N VAL B 83 -16.90 -21.31 6.44
CA VAL B 83 -16.80 -22.77 6.43
C VAL B 83 -17.47 -23.38 7.64
N PHE B 84 -18.18 -24.48 7.42
CA PHE B 84 -18.94 -25.13 8.47
C PHE B 84 -18.77 -26.60 8.68
N SER B 85 -19.16 -27.02 9.88
CA SER B 85 -19.16 -28.43 10.26
C SER B 85 -20.53 -28.67 10.88
N ASP B 86 -21.33 -29.50 10.22
CA ASP B 86 -22.68 -29.81 10.68
C ASP B 86 -23.33 -30.83 9.73
N TRP B 87 -24.45 -31.43 10.15
CA TRP B 87 -25.12 -32.40 9.30
C TRP B 87 -25.68 -31.75 8.05
N LEU B 88 -26.44 -30.68 8.21
CA LEU B 88 -26.98 -29.97 7.06
C LEU B 88 -26.62 -28.49 7.05
N LEU B 89 -26.31 -27.94 5.88
CA LEU B 89 -25.98 -26.53 5.74
C LEU B 89 -26.82 -25.92 4.63
N LEU B 90 -27.45 -24.77 4.90
CA LEU B 90 -28.29 -24.13 3.89
C LEU B 90 -27.48 -23.17 3.04
N GLN B 91 -27.31 -23.50 1.76
CA GLN B 91 -26.53 -22.66 0.88
C GLN B 91 -27.37 -21.77 -0.02
N ALA B 92 -26.94 -20.52 -0.16
CA ALA B 92 -27.65 -19.54 -0.99
C ALA B 92 -26.72 -18.99 -2.03
N SER B 93 -27.26 -18.76 -3.23
CA SER B 93 -26.50 -18.21 -4.36
C SER B 93 -25.85 -16.91 -3.90
N ALA B 94 -26.71 -15.95 -3.55
CA ALA B 94 -26.29 -14.65 -3.03
C ALA B 94 -27.17 -14.43 -1.79
N GLU B 95 -26.69 -13.65 -0.83
CA GLU B 95 -27.48 -13.41 0.37
C GLU B 95 -28.32 -12.14 0.27
N VAL B 96 -27.90 -11.22 -0.60
CA VAL B 96 -28.60 -9.95 -0.82
C VAL B 96 -28.92 -9.79 -2.30
N VAL B 97 -30.17 -9.49 -2.62
CA VAL B 97 -30.54 -9.37 -4.02
C VAL B 97 -31.38 -8.18 -4.47
N MET B 98 -31.20 -7.80 -5.73
CA MET B 98 -31.93 -6.69 -6.36
C MET B 98 -33.26 -7.22 -6.88
N GLU B 99 -34.36 -6.57 -6.51
CA GLU B 99 -35.68 -7.03 -6.95
C GLU B 99 -35.64 -7.43 -8.42
N GLY B 100 -36.06 -8.65 -8.73
CA GLY B 100 -36.03 -9.09 -10.11
C GLY B 100 -34.96 -10.11 -10.50
N GLN B 101 -33.87 -10.16 -9.73
CA GLN B 101 -32.78 -11.10 -9.98
C GLN B 101 -33.12 -12.55 -9.62
N PRO B 102 -32.20 -13.49 -9.92
CA PRO B 102 -32.45 -14.90 -9.61
C PRO B 102 -31.99 -15.30 -8.21
N LEU B 103 -32.66 -16.28 -7.63
CA LEU B 103 -32.30 -16.73 -6.31
C LEU B 103 -32.32 -18.26 -6.16
N PHE B 104 -31.21 -18.87 -5.74
CA PHE B 104 -31.18 -20.33 -5.57
C PHE B 104 -30.76 -20.75 -4.17
N LEU B 105 -31.59 -21.53 -3.49
CA LEU B 105 -31.27 -22.03 -2.15
C LEU B 105 -31.04 -23.52 -2.23
N ARG B 106 -30.19 -24.04 -1.38
CA ARG B 106 -29.92 -25.47 -1.44
C ARG B 106 -29.76 -26.06 -0.04
N CYS B 107 -30.46 -27.15 0.21
CA CYS B 107 -30.37 -27.82 1.50
C CYS B 107 -29.23 -28.79 1.25
N HIS B 108 -28.06 -28.46 1.79
CA HIS B 108 -26.85 -29.27 1.60
C HIS B 108 -26.54 -30.24 2.73
N GLY B 109 -26.40 -31.50 2.35
CA GLY B 109 -26.10 -32.55 3.30
C GLY B 109 -24.60 -32.61 3.51
N TRP B 110 -24.16 -33.32 4.54
CA TRP B 110 -22.73 -33.44 4.82
C TRP B 110 -22.08 -34.54 3.99
N ARG B 111 -20.80 -34.36 3.69
CA ARG B 111 -20.05 -35.31 2.87
C ARG B 111 -20.81 -35.60 1.58
N ASN B 112 -21.56 -34.59 1.13
CA ASN B 112 -22.34 -34.71 -0.08
C ASN B 112 -23.21 -35.98 -0.07
N TRP B 113 -23.64 -36.43 1.12
CA TRP B 113 -24.49 -37.62 1.21
C TRP B 113 -25.84 -37.33 0.59
N ASP B 114 -26.79 -38.23 0.81
CA ASP B 114 -28.13 -38.02 0.25
C ASP B 114 -29.14 -37.74 1.37
N VAL B 115 -29.97 -36.72 1.16
CA VAL B 115 -31.00 -36.34 2.13
C VAL B 115 -32.39 -36.59 1.57
N TYR B 116 -33.28 -37.06 2.43
CA TYR B 116 -34.65 -37.37 2.03
C TYR B 116 -35.66 -36.59 2.88
N LYS B 117 -36.92 -36.65 2.47
CA LYS B 117 -38.01 -35.95 3.18
C LYS B 117 -37.67 -34.50 3.49
N VAL B 118 -37.24 -33.79 2.46
CA VAL B 118 -36.85 -32.42 2.62
C VAL B 118 -37.97 -31.38 2.63
N ILE B 119 -37.81 -30.39 3.48
CA ILE B 119 -38.76 -29.28 3.62
C ILE B 119 -37.99 -28.00 3.88
N TYR B 120 -38.31 -26.94 3.14
CA TYR B 120 -37.63 -25.67 3.35
C TYR B 120 -38.59 -24.85 4.19
N TYR B 121 -38.04 -23.96 5.01
CA TYR B 121 -38.87 -23.11 5.85
C TYR B 121 -38.45 -21.62 5.76
N LYS B 122 -39.43 -20.75 5.57
CA LYS B 122 -39.17 -19.33 5.51
C LYS B 122 -40.02 -18.65 6.59
N ASP B 123 -39.35 -18.06 7.57
CA ASP B 123 -40.03 -17.39 8.67
C ASP B 123 -40.96 -18.32 9.45
N GLY B 124 -40.45 -19.47 9.85
CA GLY B 124 -41.25 -20.42 10.63
C GLY B 124 -42.35 -21.20 9.91
N GLU B 125 -42.62 -20.83 8.65
CA GLU B 125 -43.65 -21.48 7.85
C GLU B 125 -43.13 -22.61 6.97
N ALA B 126 -43.90 -23.68 6.84
CA ALA B 126 -43.48 -24.77 5.97
C ALA B 126 -43.56 -24.18 4.56
N LEU B 127 -42.61 -24.47 3.68
CA LEU B 127 -42.65 -23.88 2.35
C LEU B 127 -42.75 -24.81 1.14
N LYS B 128 -41.79 -25.71 1.00
CA LYS B 128 -41.79 -26.69 -0.10
C LYS B 128 -41.45 -28.05 0.51
N TYR B 129 -41.74 -29.13 -0.23
CA TYR B 129 -41.43 -30.46 0.27
C TYR B 129 -41.17 -31.50 -0.84
N TRP B 130 -40.17 -32.36 -0.60
CA TRP B 130 -39.82 -33.42 -1.56
C TRP B 130 -39.27 -34.65 -0.84
N TYR B 131 -39.11 -35.74 -1.58
CA TYR B 131 -38.57 -36.99 -1.07
C TYR B 131 -37.07 -36.89 -1.34
N GLU B 132 -36.65 -37.34 -2.52
CA GLU B 132 -35.24 -37.20 -2.90
C GLU B 132 -35.22 -35.66 -2.97
N ASN B 133 -34.29 -35.01 -2.28
CA ASN B 133 -34.34 -33.55 -2.26
C ASN B 133 -34.20 -32.76 -3.56
N HIS B 134 -34.33 -31.44 -3.42
CA HIS B 134 -34.28 -30.55 -4.56
C HIS B 134 -33.47 -29.28 -4.21
N ASN B 135 -33.59 -28.26 -5.06
CA ASN B 135 -32.91 -26.97 -4.91
C ASN B 135 -33.92 -25.85 -5.16
N ILE B 136 -34.68 -25.47 -4.13
CA ILE B 136 -35.67 -24.37 -4.30
C ILE B 136 -35.09 -23.20 -5.10
N SER B 137 -35.55 -23.07 -6.35
CA SER B 137 -35.09 -22.03 -7.26
C SER B 137 -36.05 -20.88 -7.53
N ILE B 138 -35.47 -19.73 -7.81
CA ILE B 138 -36.24 -18.52 -8.09
C ILE B 138 -35.63 -17.70 -9.21
N THR B 139 -36.41 -17.47 -10.26
CA THR B 139 -35.96 -16.71 -11.42
C THR B 139 -36.08 -15.22 -11.13
N ASN B 140 -37.31 -14.75 -11.23
CA ASN B 140 -37.72 -13.38 -11.00
C ASN B 140 -37.93 -13.26 -9.48
N ALA B 141 -37.14 -12.41 -8.81
CA ALA B 141 -37.26 -12.24 -7.36
C ALA B 141 -38.10 -11.06 -6.87
N THR B 142 -39.04 -11.39 -6.00
CA THR B 142 -39.93 -10.41 -5.41
C THR B 142 -39.31 -9.96 -4.11
N VAL B 143 -39.74 -8.80 -3.61
CA VAL B 143 -39.18 -8.33 -2.37
C VAL B 143 -39.77 -9.14 -1.23
N GLU B 144 -40.95 -9.70 -1.43
CA GLU B 144 -41.57 -10.49 -0.38
C GLU B 144 -40.82 -11.77 -0.14
N ASP B 145 -39.91 -12.12 -1.05
CA ASP B 145 -39.11 -13.34 -0.88
C ASP B 145 -38.07 -13.18 0.21
N SER B 146 -37.79 -11.92 0.60
CA SER B 146 -36.81 -11.63 1.65
C SER B 146 -37.27 -12.18 2.99
N GLY B 147 -36.41 -12.94 3.65
CA GLY B 147 -36.77 -13.49 4.95
C GLY B 147 -35.69 -14.36 5.55
N THR B 148 -36.06 -15.23 6.48
CA THR B 148 -35.10 -16.13 7.13
C THR B 148 -35.44 -17.63 6.86
N TYR B 149 -34.56 -18.29 6.12
CA TYR B 149 -34.78 -19.68 5.76
C TYR B 149 -33.92 -20.68 6.53
N TYR B 150 -34.33 -21.95 6.47
CA TYR B 150 -33.65 -23.10 7.08
C TYR B 150 -34.37 -24.32 6.53
N CYS B 151 -33.70 -25.47 6.48
CA CYS B 151 -34.33 -26.68 5.96
C CYS B 151 -34.22 -27.87 6.91
N THR B 152 -35.07 -28.88 6.69
CA THR B 152 -35.08 -30.08 7.52
C THR B 152 -35.13 -31.32 6.63
N GLY B 153 -34.45 -32.38 7.06
CA GLY B 153 -34.44 -33.59 6.26
C GLY B 153 -33.94 -34.81 7.01
N LYS B 154 -34.07 -35.97 6.37
CA LYS B 154 -33.62 -37.22 6.98
C LYS B 154 -32.35 -37.75 6.30
N VAL B 155 -31.27 -37.84 7.09
CA VAL B 155 -29.97 -38.34 6.62
C VAL B 155 -29.83 -39.72 7.21
N TRP B 156 -29.51 -40.70 6.37
CA TRP B 156 -29.38 -42.09 6.83
C TRP B 156 -30.77 -42.44 7.34
N GLN B 157 -30.94 -42.33 8.66
CA GLN B 157 -32.20 -42.64 9.31
C GLN B 157 -32.53 -41.70 10.46
N LEU B 158 -31.97 -40.50 10.45
CA LEU B 158 -32.28 -39.53 11.49
C LEU B 158 -32.64 -38.17 10.89
N ASP B 159 -33.46 -37.41 11.61
CA ASP B 159 -33.87 -36.09 11.14
C ASP B 159 -32.87 -35.02 11.58
N TYR B 160 -32.69 -33.99 10.76
CA TYR B 160 -31.79 -32.90 11.11
C TYR B 160 -32.29 -31.55 10.63
N GLU B 161 -31.99 -30.55 11.44
CA GLU B 161 -32.37 -29.17 11.18
C GLU B 161 -31.12 -28.39 10.82
N SER B 162 -31.26 -27.45 9.88
CA SER B 162 -30.14 -26.63 9.43
C SER B 162 -30.04 -25.31 10.17
N GLU B 163 -28.88 -24.68 10.13
CA GLU B 163 -28.74 -23.39 10.77
C GLU B 163 -29.66 -22.48 9.97
N PRO B 164 -30.24 -21.44 10.61
CA PRO B 164 -31.15 -20.50 9.95
C PRO B 164 -30.39 -19.44 9.15
N LEU B 165 -30.93 -19.03 8.00
CA LEU B 165 -30.24 -18.04 7.18
C LEU B 165 -31.08 -16.87 6.72
N ASN B 166 -30.56 -15.67 6.92
CA ASN B 166 -31.26 -14.44 6.53
C ASN B 166 -31.01 -14.10 5.06
N ILE B 167 -32.01 -13.51 4.42
CA ILE B 167 -31.89 -13.14 3.02
C ILE B 167 -32.61 -11.84 2.72
N THR B 168 -31.91 -10.91 2.10
CA THR B 168 -32.56 -9.65 1.82
C THR B 168 -32.61 -9.23 0.37
N VAL B 169 -33.82 -8.97 -0.10
CA VAL B 169 -34.05 -8.53 -1.47
C VAL B 169 -34.41 -7.05 -1.41
N ILE B 170 -33.51 -6.18 -1.87
CA ILE B 170 -33.72 -4.74 -1.87
C ILE B 170 -34.23 -4.26 -3.23
N LYS B 171 -34.73 -3.03 -3.31
CA LYS B 171 -35.26 -2.54 -4.59
C LYS B 171 -34.56 -1.30 -5.14
N LYS C 4 -1.93 29.03 -24.34
CA LYS C 4 -1.18 27.82 -24.76
C LYS C 4 0.23 27.80 -24.15
N PRO C 5 0.35 27.33 -22.91
CA PRO C 5 1.66 27.27 -22.25
C PRO C 5 2.41 25.99 -22.58
N LYS C 6 3.74 26.04 -22.48
CA LYS C 6 4.56 24.86 -22.77
C LYS C 6 5.71 24.76 -21.76
N VAL C 7 5.66 23.71 -20.95
CA VAL C 7 6.67 23.46 -19.93
C VAL C 7 8.05 23.12 -20.47
N SER C 8 9.04 23.92 -20.11
CA SER C 8 10.41 23.68 -20.55
C SER C 8 11.20 23.10 -19.38
N LEU C 9 12.34 22.47 -19.68
CA LEU C 9 13.16 21.88 -18.62
C LEU C 9 14.61 22.33 -18.71
N ASN C 10 15.33 22.19 -17.60
CA ASN C 10 16.73 22.56 -17.56
C ASN C 10 17.44 21.89 -16.39
N PRO C 11 18.36 20.94 -16.68
CA PRO C 11 18.80 20.45 -17.98
C PRO C 11 17.67 19.99 -18.90
N PRO C 12 17.97 19.79 -20.19
CA PRO C 12 16.96 19.36 -21.15
C PRO C 12 16.56 17.91 -20.89
N TRP C 13 17.51 17.17 -20.31
CA TRP C 13 17.39 15.75 -19.97
C TRP C 13 16.14 15.43 -19.16
N ASN C 14 15.23 14.65 -19.74
CA ASN C 14 13.99 14.31 -19.02
C ASN C 14 13.98 12.88 -18.46
N ARG C 15 15.20 12.36 -18.25
CA ARG C 15 15.42 11.03 -17.69
C ARG C 15 16.61 11.26 -16.76
N ILE C 16 16.37 11.32 -15.47
CA ILE C 16 17.46 11.59 -14.55
C ILE C 16 17.69 10.57 -13.44
N PHE C 17 18.91 10.55 -12.92
CA PHE C 17 19.27 9.65 -11.84
C PHE C 17 18.58 10.07 -10.56
N LYS C 18 18.87 9.35 -9.48
CA LYS C 18 18.30 9.64 -8.17
C LYS C 18 19.17 10.66 -7.41
N GLY C 19 18.52 11.70 -6.89
CA GLY C 19 19.24 12.73 -6.14
C GLY C 19 19.64 13.96 -6.94
N GLU C 20 19.49 13.89 -8.26
CA GLU C 20 19.87 15.01 -9.14
C GLU C 20 18.77 16.08 -9.16
N ASN C 21 19.12 17.31 -9.56
CA ASN C 21 18.12 18.37 -9.60
C ASN C 21 17.72 18.85 -11.01
N VAL C 22 16.43 19.18 -11.16
CA VAL C 22 15.88 19.65 -12.41
C VAL C 22 14.90 20.81 -12.18
N THR C 23 14.81 21.73 -13.13
CA THR C 23 13.94 22.89 -13.02
C THR C 23 12.85 22.96 -14.12
N LEU C 24 11.60 23.11 -13.71
CA LEU C 24 10.51 23.18 -14.67
C LEU C 24 9.96 24.61 -14.80
N THR C 25 10.25 25.25 -15.92
CA THR C 25 9.79 26.61 -16.17
C THR C 25 8.54 26.60 -17.04
N CYS C 26 7.55 27.40 -16.66
CA CYS C 26 6.30 27.48 -17.43
C CYS C 26 6.45 28.44 -18.60
N ASN C 27 5.83 28.10 -19.73
CA ASN C 27 5.88 28.88 -20.96
C ASN C 27 6.44 30.30 -20.75
N GLY C 28 7.75 30.42 -20.94
CA GLY C 28 8.45 31.69 -20.79
C GLY C 28 9.93 31.38 -20.91
N ASN C 29 10.58 31.96 -21.92
CA ASN C 29 12.01 31.71 -22.14
C ASN C 29 12.93 32.35 -21.08
N ASN C 30 12.78 33.64 -20.84
CA ASN C 30 13.64 34.33 -19.87
C ASN C 30 12.93 35.08 -18.74
N PHE C 31 12.24 36.17 -19.08
CA PHE C 31 11.55 36.97 -18.06
C PHE C 31 10.01 36.98 -18.16
N PHE C 32 9.36 36.60 -17.05
CA PHE C 32 7.91 36.54 -16.95
C PHE C 32 7.41 37.46 -15.84
N GLU C 33 6.10 37.64 -15.77
CA GLU C 33 5.52 38.54 -14.79
C GLU C 33 4.58 37.94 -13.71
N VAL C 34 3.55 37.24 -14.15
CA VAL C 34 2.58 36.66 -13.23
C VAL C 34 3.17 35.78 -12.11
N SER C 35 2.48 35.79 -10.97
CA SER C 35 2.86 35.01 -9.80
C SER C 35 1.87 33.86 -9.62
N SER C 36 0.85 33.82 -10.49
CA SER C 36 -0.17 32.77 -10.45
C SER C 36 0.07 31.72 -11.53
N THR C 37 0.85 30.70 -11.17
CA THR C 37 1.17 29.62 -12.08
C THR C 37 0.74 28.33 -11.39
N LYS C 38 0.15 27.41 -12.13
CA LYS C 38 -0.32 26.15 -11.58
C LYS C 38 0.56 24.96 -12.00
N TRP C 39 0.76 24.01 -11.09
CA TRP C 39 1.55 22.82 -11.36
C TRP C 39 0.71 21.63 -10.94
N PHE C 40 0.67 20.60 -11.78
CA PHE C 40 -0.11 19.41 -11.47
C PHE C 40 0.64 18.05 -11.55
N HIS C 41 1.50 17.80 -10.57
CA HIS C 41 2.29 16.58 -10.49
C HIS C 41 1.39 15.33 -10.35
N ASN C 42 1.25 14.57 -11.43
CA ASN C 42 0.41 13.37 -11.45
C ASN C 42 -1.05 13.80 -11.40
N GLY C 43 -1.32 15.05 -11.78
CA GLY C 43 -2.67 15.57 -11.75
C GLY C 43 -2.95 16.38 -10.49
N SER C 44 -2.47 15.88 -9.36
CA SER C 44 -2.66 16.54 -8.06
C SER C 44 -2.02 17.92 -8.06
N LEU C 45 -2.81 18.94 -7.75
CA LEU C 45 -2.28 20.30 -7.71
C LEU C 45 -1.05 20.36 -6.80
N SER C 46 -0.15 21.29 -7.10
CA SER C 46 1.08 21.43 -6.33
C SER C 46 1.06 22.68 -5.47
N GLU C 47 2.04 22.79 -4.58
CA GLU C 47 2.15 23.91 -3.64
C GLU C 47 2.93 25.14 -4.12
N GLU C 48 3.66 25.02 -5.21
CA GLU C 48 4.40 26.17 -5.72
C GLU C 48 3.46 27.02 -6.58
N THR C 49 3.81 28.30 -6.72
CA THR C 49 3.01 29.24 -7.52
C THR C 49 3.90 29.97 -8.51
N ASN C 50 5.16 30.13 -8.12
CA ASN C 50 6.13 30.79 -8.96
C ASN C 50 6.15 30.03 -10.30
N SER C 51 6.52 30.70 -11.40
CA SER C 51 6.56 30.03 -12.70
C SER C 51 7.67 28.98 -12.82
N SER C 52 8.65 29.03 -11.92
CA SER C 52 9.76 28.07 -11.93
C SER C 52 9.66 27.09 -10.77
N LEU C 53 9.27 25.86 -11.08
CA LEU C 53 9.13 24.80 -10.08
C LEU C 53 10.41 23.98 -10.03
N ASN C 54 11.20 24.19 -8.99
CA ASN C 54 12.44 23.44 -8.86
C ASN C 54 12.21 22.06 -8.26
N ILE C 55 13.18 21.18 -8.52
CA ILE C 55 13.18 19.80 -8.04
C ILE C 55 14.59 19.50 -7.52
N VAL C 56 14.71 19.24 -6.23
CA VAL C 56 16.00 18.96 -5.65
C VAL C 56 16.19 17.46 -5.53
N ASN C 57 17.15 17.03 -4.72
CA ASN C 57 17.46 15.60 -4.54
C ASN C 57 16.33 14.71 -5.00
N ALA C 58 16.45 14.31 -6.26
CA ALA C 58 15.49 13.48 -6.96
C ALA C 58 15.08 12.16 -6.31
N LYS C 59 13.84 12.12 -5.83
CA LYS C 59 13.28 10.93 -5.19
C LYS C 59 12.36 10.29 -6.20
N PHE C 60 12.42 8.97 -6.29
CA PHE C 60 11.60 8.21 -7.24
C PHE C 60 10.17 8.74 -7.39
N GLU C 61 9.65 9.33 -6.32
CA GLU C 61 8.29 9.87 -6.31
C GLU C 61 8.15 11.07 -7.23
N ASP C 62 9.27 11.75 -7.47
CA ASP C 62 9.29 12.92 -8.34
C ASP C 62 9.05 12.50 -9.79
N SER C 63 9.29 11.24 -10.10
CA SER C 63 9.08 10.73 -11.46
C SER C 63 7.59 10.82 -11.75
N GLY C 64 7.22 11.47 -12.84
CA GLY C 64 5.81 11.58 -13.14
C GLY C 64 5.43 12.55 -14.25
N GLU C 65 4.14 12.87 -14.30
CA GLU C 65 3.55 13.75 -15.30
C GLU C 65 3.24 15.15 -14.74
N TYR C 66 3.82 16.20 -15.31
CA TYR C 66 3.58 17.56 -14.83
C TYR C 66 2.91 18.48 -15.85
N LYS C 67 2.50 19.67 -15.39
CA LYS C 67 1.84 20.69 -16.23
C LYS C 67 1.57 22.02 -15.53
N CYS C 68 1.50 23.09 -16.31
CA CYS C 68 1.21 24.41 -15.77
C CYS C 68 0.12 25.10 -16.59
N GLN C 69 -0.64 25.96 -15.90
CA GLN C 69 -1.75 26.69 -16.50
C GLN C 69 -1.86 28.06 -15.81
N HIS C 70 -2.30 29.07 -16.53
CA HIS C 70 -2.44 30.39 -15.94
C HIS C 70 -3.88 30.67 -15.52
N GLN C 71 -4.15 31.92 -15.17
CA GLN C 71 -5.48 32.35 -14.71
C GLN C 71 -6.57 32.02 -15.76
N GLN C 72 -6.32 32.40 -17.00
CA GLN C 72 -7.28 32.16 -18.07
C GLN C 72 -6.58 31.51 -19.28
N VAL C 73 -5.92 30.38 -19.04
CA VAL C 73 -5.23 29.66 -20.10
C VAL C 73 -5.43 28.17 -19.90
N ASN C 74 -5.53 27.42 -20.99
CA ASN C 74 -5.71 25.99 -20.89
C ASN C 74 -4.39 25.29 -20.57
N GLU C 75 -4.41 24.46 -19.53
CA GLU C 75 -3.23 23.72 -19.07
C GLU C 75 -2.32 23.18 -20.19
N SER C 76 -1.01 23.29 -19.97
CA SER C 76 0.00 22.83 -20.93
C SER C 76 0.02 21.33 -21.12
N GLU C 77 0.59 20.90 -22.24
CA GLU C 77 0.70 19.49 -22.56
C GLU C 77 1.64 18.86 -21.55
N PRO C 78 1.10 17.95 -20.71
CA PRO C 78 1.91 17.28 -19.68
C PRO C 78 3.29 16.86 -20.20
N VAL C 79 4.23 16.68 -19.27
CA VAL C 79 5.56 16.21 -19.65
C VAL C 79 5.87 15.15 -18.62
N TYR C 80 6.51 14.06 -19.03
CA TYR C 80 6.82 13.01 -18.08
C TYR C 80 8.28 13.03 -17.66
N LEU C 81 8.53 12.86 -16.37
CA LEU C 81 9.89 12.85 -15.87
C LEU C 81 10.14 11.48 -15.27
N GLU C 82 11.24 10.83 -15.66
CA GLU C 82 11.56 9.52 -15.09
C GLU C 82 12.91 9.60 -14.36
N VAL C 83 12.98 8.97 -13.18
CA VAL C 83 14.22 8.94 -12.38
C VAL C 83 14.75 7.53 -12.29
N PHE C 84 16.08 7.43 -12.34
CA PHE C 84 16.72 6.13 -12.35
C PHE C 84 17.88 5.92 -11.42
N SER C 85 18.13 4.63 -11.18
CA SER C 85 19.26 4.17 -10.36
C SER C 85 19.92 3.10 -11.18
N ASP C 86 21.16 3.38 -11.58
CA ASP C 86 21.95 2.45 -12.39
C ASP C 86 23.32 3.03 -12.65
N TRP C 87 24.23 2.23 -13.18
CA TRP C 87 25.58 2.71 -13.46
C TRP C 87 25.54 3.74 -14.58
N LEU C 88 24.94 3.38 -15.71
CA LEU C 88 24.86 4.30 -16.83
C LEU C 88 23.41 4.52 -17.29
N LEU C 89 23.08 5.76 -17.62
CA LEU C 89 21.74 6.07 -18.12
C LEU C 89 21.88 6.84 -19.42
N LEU C 90 21.10 6.45 -20.42
CA LEU C 90 21.17 7.12 -21.72
C LEU C 90 20.19 8.29 -21.78
N GLN C 91 20.70 9.50 -21.85
CA GLN C 91 19.84 10.66 -21.88
C GLN C 91 19.67 11.25 -23.28
N ALA C 92 18.43 11.64 -23.57
CA ALA C 92 18.10 12.24 -24.87
C ALA C 92 17.45 13.60 -24.67
N SER C 93 17.76 14.52 -25.59
CA SER C 93 17.21 15.86 -25.55
C SER C 93 15.69 15.74 -25.58
N ALA C 94 15.18 15.17 -26.65
CA ALA C 94 13.75 14.94 -26.81
C ALA C 94 13.64 13.49 -27.30
N GLU C 95 12.53 12.83 -27.03
CA GLU C 95 12.40 11.44 -27.46
C GLU C 95 11.70 11.33 -28.81
N VAL C 96 10.96 12.36 -29.18
CA VAL C 96 10.25 12.39 -30.46
C VAL C 96 10.61 13.66 -31.22
N VAL C 97 10.95 13.54 -32.49
CA VAL C 97 11.34 14.74 -33.21
C VAL C 97 10.78 14.92 -34.63
N MET C 98 10.70 16.19 -35.05
CA MET C 98 10.21 16.59 -36.37
C MET C 98 11.40 16.58 -37.34
N GLU C 99 11.28 15.86 -38.44
CA GLU C 99 12.38 15.79 -39.42
C GLU C 99 13.05 17.15 -39.57
N GLY C 100 14.37 17.19 -39.39
CA GLY C 100 15.08 18.45 -39.52
C GLY C 100 15.54 19.12 -38.24
N GLN C 101 14.92 18.77 -37.11
CA GLN C 101 15.28 19.34 -35.82
C GLN C 101 16.60 18.79 -35.25
N PRO C 102 17.05 19.35 -34.13
CA PRO C 102 18.31 18.88 -33.53
C PRO C 102 18.10 17.72 -32.55
N LEU C 103 19.12 16.89 -32.42
CA LEU C 103 19.06 15.74 -31.54
C LEU C 103 20.34 15.50 -30.75
N PHE C 104 20.27 15.45 -29.43
CA PHE C 104 21.47 15.22 -28.63
C PHE C 104 21.27 14.03 -27.68
N LEU C 105 22.19 13.07 -27.75
CA LEU C 105 22.13 11.90 -26.86
C LEU C 105 23.35 11.95 -25.95
N ARG C 106 23.21 11.41 -24.75
CA ARG C 106 24.32 11.48 -23.82
C ARG C 106 24.41 10.20 -23.00
N CYS C 107 25.61 9.61 -22.98
CA CYS C 107 25.85 8.39 -22.20
C CYS C 107 26.22 8.95 -20.85
N HIS C 108 25.27 8.91 -19.92
CA HIS C 108 25.45 9.46 -18.58
C HIS C 108 25.88 8.48 -17.51
N GLY C 109 26.99 8.82 -16.87
CA GLY C 109 27.52 7.98 -15.82
C GLY C 109 26.82 8.30 -14.52
N TRP C 110 26.99 7.45 -13.51
CA TRP C 110 26.37 7.66 -12.21
C TRP C 110 27.23 8.61 -11.37
N ARG C 111 26.59 9.35 -10.47
CA ARG C 111 27.26 10.32 -9.61
C ARG C 111 28.15 11.22 -10.45
N ASN C 112 27.75 11.42 -11.69
CA ASN C 112 28.50 12.26 -12.60
C ASN C 112 29.97 11.86 -12.66
N TRP C 113 30.26 10.58 -12.44
CA TRP C 113 31.65 10.13 -12.50
C TRP C 113 32.16 10.26 -13.92
N ASP C 114 33.32 9.66 -14.19
CA ASP C 114 33.88 9.71 -15.53
C ASP C 114 33.85 8.35 -16.21
N VAL C 115 33.38 8.31 -17.46
CA VAL C 115 33.30 7.07 -18.20
C VAL C 115 34.30 7.10 -19.37
N TYR C 116 34.91 5.94 -19.65
CA TYR C 116 35.90 5.80 -20.72
C TYR C 116 35.52 4.71 -21.70
N LYS C 117 36.24 4.65 -22.83
CA LYS C 117 35.97 3.64 -23.87
C LYS C 117 34.48 3.56 -24.24
N VAL C 118 33.91 4.71 -24.55
CA VAL C 118 32.51 4.80 -24.89
C VAL C 118 32.14 4.47 -26.33
N ILE C 119 31.01 3.80 -26.46
CA ILE C 119 30.45 3.38 -27.75
C ILE C 119 28.93 3.49 -27.69
N TYR C 120 28.33 4.18 -28.66
CA TYR C 120 26.89 4.30 -28.70
C TYR C 120 26.43 3.24 -29.67
N TYR C 121 25.22 2.72 -29.47
CA TYR C 121 24.70 1.70 -30.36
C TYR C 121 23.28 2.02 -30.82
N LYS C 122 23.02 1.87 -32.12
CA LYS C 122 21.68 2.11 -32.64
C LYS C 122 21.23 0.85 -33.36
N ASP C 123 20.18 0.23 -32.85
CA ASP C 123 19.64 -0.99 -33.45
C ASP C 123 20.66 -2.11 -33.51
N GLY C 124 21.36 -2.33 -32.40
CA GLY C 124 22.36 -3.39 -32.31
C GLY C 124 23.68 -3.19 -33.04
N GLU C 125 23.79 -2.08 -33.77
CA GLU C 125 25.02 -1.78 -34.53
C GLU C 125 25.93 -0.87 -33.76
N ALA C 126 27.23 -1.06 -33.88
CA ALA C 126 28.17 -0.18 -33.22
C ALA C 126 28.03 1.16 -33.96
N LEU C 127 28.07 2.28 -33.27
CA LEU C 127 27.90 3.55 -33.99
C LEU C 127 29.02 4.57 -33.93
N LYS C 128 29.37 5.02 -32.73
CA LYS C 128 30.47 5.98 -32.56
C LYS C 128 31.36 5.45 -31.43
N TYR C 129 32.58 5.99 -31.31
CA TYR C 129 33.47 5.53 -30.24
C TYR C 129 34.51 6.56 -29.80
N TRP C 130 34.72 6.65 -28.48
CA TRP C 130 35.70 7.59 -27.92
C TRP C 130 36.32 7.03 -26.64
N TYR C 131 37.37 7.72 -26.17
CA TYR C 131 38.06 7.34 -24.94
C TYR C 131 37.35 8.12 -23.84
N GLU C 132 37.83 9.34 -23.58
CA GLU C 132 37.16 10.20 -22.60
C GLU C 132 35.85 10.39 -23.37
N ASN C 133 34.71 10.11 -22.76
CA ASN C 133 33.48 10.17 -23.55
C ASN C 133 33.04 11.49 -24.19
N HIS C 134 31.94 11.41 -24.94
CA HIS C 134 31.41 12.55 -25.67
C HIS C 134 29.88 12.61 -25.58
N ASN C 135 29.27 13.43 -26.44
CA ASN C 135 27.82 13.60 -26.49
C ASN C 135 27.34 13.54 -27.96
N ILE C 136 27.13 12.33 -28.51
CA ILE C 136 26.67 12.20 -29.90
C ILE C 136 25.58 13.22 -30.23
N SER C 137 25.94 14.21 -31.01
CA SER C 137 25.04 15.29 -31.37
C SER C 137 24.54 15.26 -32.81
N ILE C 138 23.36 15.83 -33.00
CA ILE C 138 22.73 15.89 -34.33
C ILE C 138 22.02 17.22 -34.57
N THR C 139 22.46 17.94 -35.60
CA THR C 139 21.87 19.23 -35.95
C THR C 139 20.57 19.00 -36.69
N ASN C 140 20.75 18.70 -37.98
CA ASN C 140 19.70 18.43 -38.95
C ASN C 140 19.33 16.96 -38.75
N ALA C 141 18.09 16.66 -38.36
CA ALA C 141 17.70 15.27 -38.13
C ALA C 141 16.95 14.59 -39.31
N THR C 142 17.46 13.42 -39.67
CA THR C 142 16.88 12.62 -40.75
C THR C 142 15.92 11.63 -40.12
N VAL C 143 14.98 11.14 -40.92
CA VAL C 143 14.03 10.19 -40.37
C VAL C 143 14.71 8.85 -40.14
N GLU C 144 15.80 8.58 -40.86
CA GLU C 144 16.50 7.33 -40.69
C GLU C 144 17.20 7.31 -39.34
N ASP C 145 17.29 8.46 -38.67
CA ASP C 145 17.94 8.54 -37.36
C ASP C 145 17.08 7.91 -36.27
N SER C 146 15.80 7.67 -36.58
CA SER C 146 14.86 7.06 -35.65
C SER C 146 15.24 5.61 -35.38
N GLY C 147 15.34 5.23 -34.11
CA GLY C 147 15.69 3.87 -33.78
C GLY C 147 15.80 3.63 -32.29
N THR C 148 16.50 2.57 -31.90
CA THR C 148 16.67 2.24 -30.48
C THR C 148 18.15 2.27 -30.04
N TYR C 149 18.49 3.26 -29.23
CA TYR C 149 19.86 3.43 -28.79
C TYR C 149 20.18 2.91 -27.38
N TYR C 150 21.48 2.77 -27.10
CA TYR C 150 22.03 2.36 -25.81
C TYR C 150 23.53 2.59 -25.90
N CYS C 151 24.20 2.76 -24.77
CA CYS C 151 25.63 2.98 -24.80
C CYS C 151 26.39 2.07 -23.84
N THR C 152 27.70 1.88 -24.11
CA THR C 152 28.56 1.02 -23.31
C THR C 152 29.83 1.78 -22.94
N GLY C 153 30.36 1.51 -21.75
CA GLY C 153 31.58 2.19 -21.34
C GLY C 153 32.20 1.60 -20.10
N LYS C 154 33.41 2.06 -19.77
CA LYS C 154 34.14 1.58 -18.61
C LYS C 154 34.17 2.62 -17.48
N VAL C 155 33.57 2.25 -16.34
CA VAL C 155 33.51 3.09 -15.15
C VAL C 155 34.49 2.50 -14.15
N TRP C 156 35.41 3.32 -13.64
CA TRP C 156 36.44 2.86 -12.71
C TRP C 156 37.27 1.86 -13.51
N GLN C 157 36.95 0.59 -13.34
CA GLN C 157 37.63 -0.49 -14.06
C GLN C 157 36.72 -1.62 -14.52
N LEU C 158 35.43 -1.35 -14.65
CA LEU C 158 34.49 -2.36 -15.13
C LEU C 158 33.61 -1.82 -16.25
N ASP C 159 33.16 -2.71 -17.13
CA ASP C 159 32.32 -2.34 -18.25
C ASP C 159 30.84 -2.35 -17.85
N TYR C 160 30.06 -1.46 -18.45
CA TYR C 160 28.64 -1.39 -18.16
C TYR C 160 27.82 -1.02 -19.38
N GLU C 161 26.62 -1.62 -19.43
CA GLU C 161 25.69 -1.42 -20.52
C GLU C 161 24.54 -0.56 -19.98
N SER C 162 24.01 0.31 -20.83
CA SER C 162 22.90 1.19 -20.46
C SER C 162 21.54 0.62 -20.85
N GLU C 163 20.48 1.11 -20.23
CA GLU C 163 19.17 0.64 -20.59
C GLU C 163 18.99 1.11 -22.03
N PRO C 164 18.20 0.37 -22.84
CA PRO C 164 17.97 0.72 -24.24
C PRO C 164 16.89 1.79 -24.37
N LEU C 165 17.05 2.72 -25.33
CA LEU C 165 16.08 3.80 -25.51
C LEU C 165 15.54 3.98 -26.91
N ASN C 166 14.22 4.06 -27.02
CA ASN C 166 13.60 4.27 -28.32
C ASN C 166 13.53 5.75 -28.72
N ILE C 167 13.62 6.04 -30.01
CA ILE C 167 13.57 7.42 -30.51
C ILE C 167 12.87 7.50 -31.84
N THR C 168 11.91 8.41 -31.94
CA THR C 168 11.18 8.54 -33.19
C THR C 168 11.14 9.92 -33.83
N VAL C 169 11.62 9.96 -35.05
CA VAL C 169 11.65 11.19 -35.82
C VAL C 169 10.52 11.07 -36.84
N ILE C 170 9.51 11.92 -36.67
CA ILE C 170 8.36 11.93 -37.57
C ILE C 170 8.49 13.05 -38.60
N LYS C 171 7.68 13.01 -39.66
CA LYS C 171 7.77 14.04 -40.71
C LYS C 171 6.50 14.86 -40.91
N LYS D 4 -34.96 3.71 -51.64
CA LYS D 4 -33.48 3.67 -51.49
C LYS D 4 -33.07 4.01 -50.07
N PRO D 5 -33.11 3.01 -49.18
CA PRO D 5 -32.73 3.21 -47.77
C PRO D 5 -31.22 3.07 -47.57
N LYS D 6 -30.70 3.68 -46.51
CA LYS D 6 -29.28 3.61 -46.22
C LYS D 6 -29.05 3.45 -44.73
N VAL D 7 -28.50 2.31 -44.35
CA VAL D 7 -28.24 2.01 -42.94
C VAL D 7 -27.12 2.87 -42.33
N SER D 8 -27.46 3.57 -41.25
CA SER D 8 -26.49 4.41 -40.55
C SER D 8 -26.09 3.72 -39.25
N LEU D 9 -24.97 4.12 -38.66
CA LEU D 9 -24.54 3.51 -37.40
C LEU D 9 -24.23 4.56 -36.35
N ASN D 10 -24.20 4.12 -35.09
CA ASN D 10 -23.89 5.02 -33.99
C ASN D 10 -23.46 4.22 -32.77
N PRO D 11 -22.18 4.33 -32.36
CA PRO D 11 -21.10 5.12 -32.97
C PRO D 11 -20.89 4.88 -34.46
N PRO D 12 -20.08 5.74 -35.12
CA PRO D 12 -19.81 5.60 -36.56
C PRO D 12 -18.91 4.40 -36.82
N TRP D 13 -18.10 4.08 -35.82
CA TRP D 13 -17.15 2.96 -35.82
C TRP D 13 -17.79 1.63 -36.22
N ASN D 14 -17.38 1.08 -37.37
CA ASN D 14 -17.93 -0.20 -37.85
C ASN D 14 -16.99 -1.40 -37.63
N ARG D 15 -16.09 -1.24 -36.66
CA ARG D 15 -15.09 -2.22 -36.22
C ARG D 15 -15.09 -2.09 -34.71
N ILE D 16 -15.74 -3.01 -34.01
CA ILE D 16 -15.82 -2.90 -32.57
C ILE D 16 -15.31 -4.09 -31.76
N PHE D 17 -14.93 -3.81 -30.53
CA PHE D 17 -14.43 -4.84 -29.62
C PHE D 17 -15.57 -5.76 -29.20
N LYS D 18 -15.24 -6.74 -28.37
CA LYS D 18 -16.21 -7.70 -27.87
C LYS D 18 -16.94 -7.17 -26.63
N GLY D 19 -18.26 -7.23 -26.67
CA GLY D 19 -19.06 -6.76 -25.54
C GLY D 19 -19.57 -5.34 -25.65
N GLU D 20 -19.09 -4.60 -26.65
CA GLU D 20 -19.50 -3.21 -26.86
C GLU D 20 -20.86 -3.13 -27.58
N ASN D 21 -21.56 -2.00 -27.44
CA ASN D 21 -22.86 -1.86 -28.10
C ASN D 21 -22.88 -0.88 -29.28
N VAL D 22 -23.68 -1.23 -30.29
CA VAL D 22 -23.82 -0.41 -31.49
C VAL D 22 -25.28 -0.36 -31.94
N THR D 23 -25.70 0.75 -32.54
CA THR D 23 -27.08 0.91 -33.01
C THR D 23 -27.22 1.11 -34.53
N LEU D 24 -28.05 0.29 -35.17
CA LEU D 24 -28.26 0.39 -36.61
C LEU D 24 -29.63 1.00 -36.94
N THR D 25 -29.62 2.25 -37.41
CA THR D 25 -30.83 2.97 -37.77
C THR D 25 -31.06 2.90 -39.28
N CYS D 26 -32.30 2.62 -39.69
CA CYS D 26 -32.62 2.53 -41.10
C CYS D 26 -32.90 3.92 -41.69
N ASN D 27 -32.45 4.14 -42.94
CA ASN D 27 -32.61 5.42 -43.62
C ASN D 27 -33.57 6.38 -42.94
N GLY D 28 -33.00 7.25 -42.11
CA GLY D 28 -33.76 8.23 -41.36
C GLY D 28 -32.80 8.86 -40.37
N ASN D 29 -32.62 10.17 -40.48
CA ASN D 29 -31.70 10.89 -39.60
C ASN D 29 -32.20 11.02 -38.16
N ASN D 30 -33.41 11.54 -37.98
CA ASN D 30 -33.95 11.73 -36.64
C ASN D 30 -35.30 11.08 -36.34
N PHE D 31 -36.37 11.60 -36.94
CA PHE D 31 -37.70 11.06 -36.69
C PHE D 31 -38.36 10.35 -37.88
N PHE D 32 -38.75 9.10 -37.65
CA PHE D 32 -39.39 8.26 -38.67
C PHE D 32 -40.79 7.82 -38.22
N GLU D 33 -41.56 7.24 -39.14
CA GLU D 33 -42.91 6.83 -38.81
C GLU D 33 -43.26 5.34 -38.84
N VAL D 34 -42.99 4.69 -39.97
CA VAL D 34 -43.31 3.27 -40.13
C VAL D 34 -42.75 2.34 -39.04
N SER D 35 -43.48 1.25 -38.80
CA SER D 35 -43.12 0.24 -37.80
C SER D 35 -42.70 -1.04 -38.54
N SER D 36 -42.80 -1.00 -39.87
CA SER D 36 -42.43 -2.14 -40.72
C SER D 36 -41.06 -1.92 -41.37
N THR D 37 -40.03 -2.36 -40.66
CA THR D 37 -38.66 -2.24 -41.14
C THR D 37 -38.07 -3.64 -41.12
N LYS D 38 -37.31 -3.98 -42.15
CA LYS D 38 -36.70 -5.30 -42.25
C LYS D 38 -35.20 -5.28 -41.98
N TRP D 39 -34.70 -6.33 -41.34
CA TRP D 39 -33.28 -6.45 -41.05
C TRP D 39 -32.83 -7.83 -41.52
N PHE D 40 -31.70 -7.89 -42.21
CA PHE D 40 -31.20 -9.17 -42.71
C PHE D 40 -29.75 -9.48 -42.32
N HIS D 41 -29.55 -9.91 -41.07
CA HIS D 41 -28.23 -10.26 -40.54
C HIS D 41 -27.66 -11.52 -41.23
N ASN D 42 -26.70 -11.31 -42.14
CA ASN D 42 -26.08 -12.40 -42.90
C ASN D 42 -27.11 -12.94 -43.90
N GLY D 43 -28.07 -12.10 -44.26
CA GLY D 43 -29.11 -12.51 -45.19
C GLY D 43 -30.37 -12.98 -44.47
N SER D 44 -30.17 -13.77 -43.42
CA SER D 44 -31.28 -14.31 -42.61
C SER D 44 -32.12 -13.20 -41.98
N LEU D 45 -33.42 -13.21 -42.26
CA LEU D 45 -34.29 -12.19 -41.70
C LEU D 45 -34.14 -12.14 -40.17
N SER D 46 -34.37 -10.95 -39.62
CA SER D 46 -34.23 -10.74 -38.18
C SER D 46 -35.60 -10.60 -37.51
N GLU D 47 -35.58 -10.59 -36.18
CA GLU D 47 -36.79 -10.49 -35.38
C GLU D 47 -37.27 -9.09 -35.00
N GLU D 48 -36.42 -8.09 -35.17
CA GLU D 48 -36.83 -6.73 -34.84
C GLU D 48 -37.61 -6.15 -36.02
N THR D 49 -38.44 -5.14 -35.73
CA THR D 49 -39.25 -4.49 -36.76
C THR D 49 -39.09 -2.97 -36.69
N ASN D 50 -38.76 -2.50 -35.49
CA ASN D 50 -38.55 -1.08 -35.27
C ASN D 50 -37.44 -0.63 -36.22
N SER D 51 -37.40 0.65 -36.59
CA SER D 51 -36.35 1.12 -37.49
C SER D 51 -34.96 1.14 -36.86
N SER D 52 -34.89 1.07 -35.53
CA SER D 52 -33.60 1.08 -34.84
C SER D 52 -33.28 -0.29 -34.24
N LEU D 53 -32.35 -1.00 -34.88
CA LEU D 53 -31.95 -2.31 -34.42
C LEU D 53 -30.73 -2.20 -33.52
N ASN D 54 -30.92 -2.35 -32.22
CA ASN D 54 -29.81 -2.27 -31.28
C ASN D 54 -29.02 -3.56 -31.19
N ILE D 55 -27.78 -3.41 -30.74
CA ILE D 55 -26.82 -4.50 -30.55
C ILE D 55 -26.15 -4.30 -29.21
N VAL D 56 -26.37 -5.22 -28.28
CA VAL D 56 -25.78 -5.11 -26.96
C VAL D 56 -24.51 -5.95 -26.90
N ASN D 57 -24.04 -6.26 -25.68
CA ASN D 57 -22.82 -7.03 -25.49
C ASN D 57 -22.42 -7.82 -26.73
N ALA D 58 -21.56 -7.18 -27.51
CA ALA D 58 -21.05 -7.69 -28.79
C ALA D 58 -20.42 -9.07 -28.78
N LYS D 59 -21.11 -10.03 -29.39
CA LYS D 59 -20.64 -11.40 -29.49
C LYS D 59 -20.15 -11.57 -30.91
N PHE D 60 -19.05 -12.30 -31.05
CA PHE D 60 -18.45 -12.52 -32.36
C PHE D 60 -19.46 -12.82 -33.47
N GLU D 61 -20.57 -13.45 -33.10
CA GLU D 61 -21.61 -13.81 -34.06
C GLU D 61 -22.31 -12.57 -34.64
N ASP D 62 -22.25 -11.46 -33.91
CA ASP D 62 -22.87 -10.21 -34.36
C ASP D 62 -22.11 -9.63 -35.53
N SER D 63 -20.85 -10.01 -35.67
CA SER D 63 -20.03 -9.53 -36.78
C SER D 63 -20.70 -10.05 -38.06
N GLY D 64 -20.96 -9.17 -39.00
CA GLY D 64 -21.59 -9.62 -40.22
C GLY D 64 -22.10 -8.54 -41.15
N GLU D 65 -22.94 -8.97 -42.10
CA GLU D 65 -23.52 -8.10 -43.12
C GLU D 65 -25.00 -7.85 -42.83
N TYR D 66 -25.39 -6.57 -42.69
CA TYR D 66 -26.78 -6.22 -42.40
C TYR D 66 -27.44 -5.37 -43.49
N LYS D 67 -28.76 -5.19 -43.37
CA LYS D 67 -29.55 -4.39 -44.31
C LYS D 67 -31.02 -4.21 -43.92
N CYS D 68 -31.62 -3.12 -44.39
CA CYS D 68 -33.03 -2.84 -44.11
C CYS D 68 -33.77 -2.49 -45.39
N GLN D 69 -35.06 -2.79 -45.39
CA GLN D 69 -35.95 -2.55 -46.52
C GLN D 69 -37.35 -2.26 -45.99
N HIS D 70 -38.11 -1.43 -46.71
CA HIS D 70 -39.47 -1.12 -46.28
C HIS D 70 -40.49 -1.95 -47.03
N GLN D 71 -41.77 -1.59 -46.88
CA GLN D 71 -42.87 -2.30 -47.52
C GLN D 71 -42.71 -2.37 -49.05
N GLN D 72 -42.43 -1.21 -49.65
CA GLN D 72 -42.26 -1.13 -51.10
C GLN D 72 -40.97 -0.38 -51.46
N VAL D 73 -39.85 -0.87 -50.93
CA VAL D 73 -38.55 -0.25 -51.20
C VAL D 73 -37.52 -1.35 -51.36
N ASN D 74 -36.56 -1.14 -52.23
CA ASN D 74 -35.51 -2.12 -52.46
C ASN D 74 -34.48 -2.06 -51.33
N GLU D 75 -34.19 -3.22 -50.73
CA GLU D 75 -33.24 -3.34 -49.62
C GLU D 75 -31.97 -2.50 -49.74
N SER D 76 -31.55 -1.93 -48.62
CA SER D 76 -30.36 -1.08 -48.56
C SER D 76 -29.05 -1.79 -48.84
N GLU D 77 -28.04 -1.03 -49.22
CA GLU D 77 -26.71 -1.57 -49.51
C GLU D 77 -26.17 -2.11 -48.20
N PRO D 78 -25.99 -3.44 -48.11
CA PRO D 78 -25.48 -4.09 -46.90
C PRO D 78 -24.31 -3.33 -46.26
N VAL D 79 -24.11 -3.55 -44.98
CA VAL D 79 -23.00 -2.92 -44.27
C VAL D 79 -22.39 -4.03 -43.46
N TYR D 80 -21.06 -4.06 -43.36
CA TYR D 80 -20.40 -5.11 -42.59
C TYR D 80 -19.90 -4.61 -41.24
N LEU D 81 -20.15 -5.41 -40.21
CA LEU D 81 -19.72 -5.09 -38.87
C LEU D 81 -18.75 -6.16 -38.42
N GLU D 82 -17.58 -5.75 -37.93
CA GLU D 82 -16.58 -6.70 -37.45
C GLU D 82 -16.29 -6.46 -35.98
N VAL D 83 -16.22 -7.55 -35.21
CA VAL D 83 -15.94 -7.46 -33.78
C VAL D 83 -14.57 -8.06 -33.46
N PHE D 84 -13.88 -7.39 -32.54
CA PHE D 84 -12.51 -7.78 -32.19
C PHE D 84 -12.17 -7.96 -30.73
N SER D 85 -11.11 -8.73 -30.51
CA SER D 85 -10.55 -8.99 -29.20
C SER D 85 -9.05 -8.75 -29.38
N ASP D 86 -8.56 -7.71 -28.70
CA ASP D 86 -7.15 -7.31 -28.75
C ASP D 86 -6.90 -6.12 -27.83
N TRP D 87 -5.62 -5.79 -27.61
CA TRP D 87 -5.32 -4.65 -26.75
C TRP D 87 -5.72 -3.34 -27.42
N LEU D 88 -5.29 -3.13 -28.66
CA LEU D 88 -5.66 -1.91 -29.37
C LEU D 88 -6.31 -2.21 -30.73
N LEU D 89 -7.35 -1.45 -31.08
CA LEU D 89 -8.04 -1.61 -32.35
C LEU D 89 -8.14 -0.27 -33.05
N LEU D 90 -7.77 -0.23 -34.32
CA LEU D 90 -7.82 1.03 -35.04
C LEU D 90 -9.17 1.23 -35.69
N GLN D 91 -9.89 2.24 -35.22
CA GLN D 91 -11.23 2.52 -35.76
C GLN D 91 -11.28 3.65 -36.77
N ALA D 92 -12.00 3.41 -37.87
CA ALA D 92 -12.15 4.42 -38.91
C ALA D 92 -13.61 4.74 -39.14
N SER D 93 -13.88 6.03 -39.36
CA SER D 93 -15.22 6.53 -39.63
C SER D 93 -15.81 5.72 -40.77
N ALA D 94 -15.18 5.83 -41.93
CA ALA D 94 -15.57 5.09 -43.13
C ALA D 94 -14.26 4.52 -43.67
N GLU D 95 -14.32 3.42 -44.40
CA GLU D 95 -13.10 2.82 -44.93
C GLU D 95 -12.81 3.29 -46.35
N VAL D 96 -13.86 3.71 -47.06
CA VAL D 96 -13.72 4.19 -48.43
C VAL D 96 -14.32 5.59 -48.52
N VAL D 97 -13.57 6.54 -49.10
CA VAL D 97 -14.08 7.91 -49.17
C VAL D 97 -13.93 8.66 -50.49
N MET D 98 -14.86 9.60 -50.71
CA MET D 98 -14.91 10.47 -51.91
C MET D 98 -14.02 11.68 -51.68
N GLU D 99 -13.06 11.91 -52.58
CA GLU D 99 -12.15 13.04 -52.44
C GLU D 99 -12.90 14.26 -51.91
N GLY D 100 -12.42 14.84 -50.82
CA GLY D 100 -13.08 16.01 -50.27
C GLY D 100 -13.87 15.79 -48.98
N GLN D 101 -14.32 14.56 -48.74
CA GLN D 101 -15.09 14.23 -47.54
C GLN D 101 -14.27 14.21 -46.25
N PRO D 102 -14.94 13.98 -45.09
CA PRO D 102 -14.22 13.96 -43.82
C PRO D 102 -13.75 12.56 -43.42
N LEU D 103 -12.64 12.52 -42.69
CA LEU D 103 -12.08 11.27 -42.27
C LEU D 103 -11.60 11.28 -40.83
N PHE D 104 -12.12 10.37 -39.99
CA PHE D 104 -11.69 10.29 -38.58
C PHE D 104 -11.17 8.91 -38.20
N LEU D 105 -9.94 8.85 -37.72
CA LEU D 105 -9.33 7.58 -37.29
C LEU D 105 -9.16 7.61 -35.78
N ARG D 106 -9.26 6.46 -35.14
CA ARG D 106 -9.14 6.44 -33.70
C ARG D 106 -8.36 5.23 -33.21
N CYS D 107 -7.37 5.48 -32.37
CA CYS D 107 -6.56 4.41 -31.79
C CYS D 107 -7.34 4.01 -30.55
N HIS D 108 -8.10 2.93 -30.65
CA HIS D 108 -8.96 2.49 -29.54
C HIS D 108 -8.36 1.46 -28.61
N GLY D 109 -8.38 1.79 -27.32
CA GLY D 109 -7.87 0.91 -26.31
C GLY D 109 -8.93 -0.09 -25.95
N TRP D 110 -8.55 -1.15 -25.23
CA TRP D 110 -9.49 -2.18 -24.80
C TRP D 110 -10.17 -1.77 -23.50
N ARG D 111 -11.39 -2.25 -23.32
CA ARG D 111 -12.17 -1.91 -22.14
C ARG D 111 -12.17 -0.40 -21.96
N ASN D 112 -12.11 0.31 -23.07
CA ASN D 112 -12.10 1.76 -23.03
C ASN D 112 -11.10 2.31 -22.01
N TRP D 113 -10.01 1.58 -21.78
CA TRP D 113 -9.00 2.05 -20.83
C TRP D 113 -8.33 3.30 -21.39
N ASP D 114 -7.23 3.70 -20.79
CA ASP D 114 -6.51 4.87 -21.27
C ASP D 114 -5.16 4.50 -21.88
N VAL D 115 -4.88 5.05 -23.06
CA VAL D 115 -3.63 4.80 -23.77
C VAL D 115 -2.76 6.05 -23.81
N TYR D 116 -1.46 5.85 -23.64
CA TYR D 116 -0.49 6.95 -23.63
C TYR D 116 0.60 6.76 -24.70
N LYS D 117 1.41 7.80 -24.90
CA LYS D 117 2.48 7.78 -25.90
C LYS D 117 2.01 7.23 -27.24
N VAL D 118 0.95 7.83 -27.76
CA VAL D 118 0.37 7.39 -29.02
C VAL D 118 1.00 7.97 -30.27
N ILE D 119 1.11 7.09 -31.27
CA ILE D 119 1.67 7.41 -32.60
C ILE D 119 0.86 6.69 -33.67
N TYR D 120 0.43 7.42 -34.68
CA TYR D 120 -0.31 6.79 -35.77
C TYR D 120 0.72 6.58 -36.87
N TYR D 121 0.54 5.52 -37.67
CA TYR D 121 1.46 5.22 -38.77
C TYR D 121 0.72 4.97 -40.08
N LYS D 122 1.20 5.61 -41.14
CA LYS D 122 0.60 5.42 -42.44
C LYS D 122 1.68 4.93 -43.38
N ASP D 123 1.49 3.72 -43.90
CA ASP D 123 2.46 3.14 -44.81
C ASP D 123 3.84 3.08 -44.20
N GLY D 124 3.92 2.51 -43.00
CA GLY D 124 5.20 2.37 -42.31
C GLY D 124 5.91 3.62 -41.81
N GLU D 125 5.32 4.79 -42.08
CA GLU D 125 5.90 6.05 -41.65
C GLU D 125 5.27 6.56 -40.36
N ALA D 126 6.06 7.20 -39.51
CA ALA D 126 5.54 7.76 -38.27
C ALA D 126 4.71 8.94 -38.75
N LEU D 127 3.54 9.16 -38.15
CA LEU D 127 2.69 10.26 -38.60
C LEU D 127 2.35 11.36 -37.61
N LYS D 128 1.69 11.00 -36.52
CA LYS D 128 1.34 11.96 -35.49
C LYS D 128 1.72 11.35 -34.13
N TYR D 129 1.87 12.19 -33.12
CA TYR D 129 2.22 11.70 -31.80
C TYR D 129 1.67 12.54 -30.63
N TRP D 130 1.20 11.86 -29.58
CA TRP D 130 0.67 12.54 -28.40
C TRP D 130 0.91 11.72 -27.14
N TYR D 131 0.66 12.34 -25.99
CA TYR D 131 0.82 11.68 -24.68
C TYR D 131 -0.55 11.07 -24.38
N GLU D 132 -1.43 11.84 -23.74
CA GLU D 132 -2.78 11.36 -23.50
C GLU D 132 -3.22 11.31 -24.95
N ASN D 133 -3.75 10.18 -25.42
CA ASN D 133 -4.06 10.12 -26.86
C ASN D 133 -5.06 11.07 -27.51
N HIS D 134 -5.22 10.92 -28.82
CA HIS D 134 -6.11 11.79 -29.56
C HIS D 134 -6.87 10.99 -30.63
N ASN D 135 -7.49 11.70 -31.56
CA ASN D 135 -8.27 11.13 -32.66
C ASN D 135 -7.86 11.82 -33.97
N ILE D 136 -6.79 11.38 -34.62
CA ILE D 136 -6.35 12.00 -35.88
C ILE D 136 -7.54 12.26 -36.81
N SER D 137 -7.90 13.53 -36.95
CA SER D 137 -9.04 13.93 -37.76
C SER D 137 -8.73 14.60 -39.09
N ILE D 138 -9.64 14.44 -40.04
CA ILE D 138 -9.50 14.99 -41.38
C ILE D 138 -10.80 15.55 -41.91
N THR D 139 -10.78 16.85 -42.24
CA THR D 139 -11.96 17.52 -42.77
C THR D 139 -12.11 17.25 -44.26
N ASN D 140 -11.30 17.98 -45.00
CA ASN D 140 -11.19 17.93 -46.47
C ASN D 140 -10.22 16.78 -46.76
N ALA D 141 -10.70 15.73 -47.45
CA ALA D 141 -9.83 14.57 -47.74
C ALA D 141 -9.17 14.55 -49.12
N THR D 142 -7.85 14.41 -49.11
CA THR D 142 -7.06 14.35 -50.33
C THR D 142 -6.94 12.89 -50.74
N VAL D 143 -6.63 12.64 -52.00
CA VAL D 143 -6.49 11.26 -52.44
C VAL D 143 -5.20 10.65 -51.92
N GLU D 144 -4.22 11.51 -51.61
CA GLU D 144 -2.97 11.02 -51.09
C GLU D 144 -3.12 10.50 -49.66
N ASP D 145 -4.28 10.76 -49.05
CA ASP D 145 -4.55 10.30 -47.69
C ASP D 145 -4.84 8.79 -47.66
N SER D 146 -5.10 8.23 -48.84
CA SER D 146 -5.39 6.79 -48.97
C SER D 146 -4.13 5.99 -48.66
N GLY D 147 -4.25 5.00 -47.77
CA GLY D 147 -3.09 4.19 -47.43
C GLY D 147 -3.42 3.12 -46.39
N THR D 148 -2.40 2.60 -45.74
CA THR D 148 -2.62 1.58 -44.71
C THR D 148 -2.12 2.08 -43.33
N TYR D 149 -3.07 2.25 -42.40
CA TYR D 149 -2.75 2.76 -41.07
C TYR D 149 -2.75 1.72 -39.94
N TYR D 150 -2.12 2.11 -38.83
CA TYR D 150 -2.05 1.29 -37.62
C TYR D 150 -1.49 2.25 -36.56
N CYS D 151 -1.77 2.00 -35.29
CA CYS D 151 -1.26 2.87 -34.23
C CYS D 151 -0.53 2.11 -33.13
N THR D 152 0.28 2.84 -32.35
CA THR D 152 1.05 2.23 -31.26
C THR D 152 0.88 3.06 -29.99
N GLY D 153 0.86 2.39 -28.85
CA GLY D 153 0.71 3.10 -27.60
C GLY D 153 1.02 2.27 -26.38
N LYS D 154 1.08 2.93 -25.23
CA LYS D 154 1.37 2.28 -23.96
C LYS D 154 0.11 2.17 -23.07
N VAL D 155 -0.30 0.93 -22.79
CA VAL D 155 -1.46 0.62 -21.96
C VAL D 155 -0.90 0.14 -20.63
N TRP D 156 -1.37 0.73 -19.53
CA TRP D 156 -0.87 0.38 -18.20
C TRP D 156 0.61 0.73 -18.22
N GLN D 157 1.42 -0.29 -18.47
CA GLN D 157 2.85 -0.10 -18.55
C GLN D 157 3.54 -0.91 -19.65
N LEU D 158 2.78 -1.33 -20.66
CA LEU D 158 3.36 -2.07 -21.78
C LEU D 158 2.97 -1.47 -23.13
N ASP D 159 3.82 -1.66 -24.13
CA ASP D 159 3.57 -1.13 -25.46
C ASP D 159 2.78 -2.12 -26.30
N TYR D 160 1.94 -1.61 -27.19
CA TYR D 160 1.15 -2.48 -28.05
C TYR D 160 0.97 -1.88 -29.42
N GLU D 161 0.87 -2.77 -30.39
CA GLU D 161 0.69 -2.40 -31.79
C GLU D 161 -0.70 -2.85 -32.20
N SER D 162 -1.34 -2.07 -33.07
CA SER D 162 -2.69 -2.35 -33.55
C SER D 162 -2.70 -3.11 -34.86
N GLU D 163 -3.81 -3.77 -35.17
CA GLU D 163 -3.89 -4.46 -36.44
C GLU D 163 -3.79 -3.34 -37.49
N PRO D 164 -3.26 -3.63 -38.69
CA PRO D 164 -3.12 -2.63 -39.76
C PRO D 164 -4.41 -2.46 -40.54
N LEU D 165 -4.71 -1.23 -40.96
CA LEU D 165 -5.95 -0.98 -41.68
C LEU D 165 -5.83 -0.23 -42.98
N ASN D 166 -6.47 -0.77 -44.02
CA ASN D 166 -6.44 -0.13 -45.34
C ASN D 166 -7.54 0.91 -45.49
N ILE D 167 -7.26 1.96 -46.26
CA ILE D 167 -8.19 3.04 -46.48
C ILE D 167 -8.09 3.60 -47.88
N THR D 168 -9.21 3.68 -48.57
CA THR D 168 -9.15 4.19 -49.92
C THR D 168 -10.04 5.38 -50.23
N VAL D 169 -9.41 6.46 -50.70
CA VAL D 169 -10.10 7.68 -51.06
C VAL D 169 -10.14 7.71 -52.57
N ILE D 170 -11.33 7.54 -53.14
CA ILE D 170 -11.51 7.55 -54.60
C ILE D 170 -11.97 8.94 -55.09
N LYS D 171 -11.89 9.20 -56.38
CA LYS D 171 -12.29 10.52 -56.88
C LYS D 171 -13.47 10.53 -57.86
N LYS E 4 -6.87 -2.37 19.19
CA LYS E 4 -6.09 -1.77 20.30
C LYS E 4 -6.82 -1.91 21.64
N PRO E 5 -6.68 -3.09 22.29
CA PRO E 5 -7.34 -3.32 23.58
C PRO E 5 -6.48 -2.81 24.74
N LYS E 6 -7.12 -2.52 25.86
CA LYS E 6 -6.43 -2.03 27.03
C LYS E 6 -7.01 -2.65 28.28
N VAL E 7 -6.21 -3.46 28.96
CA VAL E 7 -6.64 -4.14 30.18
C VAL E 7 -6.87 -3.19 31.36
N SER E 8 -8.08 -3.23 31.91
CA SER E 8 -8.44 -2.40 33.06
C SER E 8 -8.51 -3.27 34.31
N LEU E 9 -8.41 -2.66 35.48
CA LEU E 9 -8.47 -3.45 36.71
C LEU E 9 -9.51 -2.94 37.71
N ASN E 10 -9.90 -3.81 38.64
CA ASN E 10 -10.87 -3.44 39.65
C ASN E 10 -10.80 -4.37 40.86
N PRO E 11 -10.35 -3.85 42.01
CA PRO E 11 -9.90 -2.48 42.29
C PRO E 11 -8.83 -1.94 41.35
N PRO E 12 -8.56 -0.62 41.39
CA PRO E 12 -7.55 -0.02 40.51
C PRO E 12 -6.16 -0.42 40.95
N TRP E 13 -6.04 -0.70 42.25
CA TRP E 13 -4.79 -1.11 42.92
C TRP E 13 -4.09 -2.27 42.24
N ASN E 14 -2.90 -2.03 41.69
CA ASN E 14 -2.15 -3.09 41.00
C ASN E 14 -0.99 -3.67 41.82
N ARG E 15 -1.09 -3.50 43.14
CA ARG E 15 -0.12 -4.00 44.12
C ARG E 15 -1.00 -4.54 45.22
N ILE E 16 -1.20 -5.85 45.29
CA ILE E 16 -2.08 -6.39 46.31
C ILE E 16 -1.50 -7.40 47.29
N PHE E 17 -2.14 -7.52 48.45
CA PHE E 17 -1.70 -8.46 49.46
C PHE E 17 -1.98 -9.89 49.02
N LYS E 18 -1.62 -10.85 49.88
CA LYS E 18 -1.83 -12.27 49.60
C LYS E 18 -3.23 -12.71 50.01
N GLY E 19 -3.94 -13.36 49.09
CA GLY E 19 -5.28 -13.82 49.38
C GLY E 19 -6.40 -12.91 48.93
N GLU E 20 -6.06 -11.68 48.51
CA GLU E 20 -7.06 -10.71 48.05
C GLU E 20 -7.50 -10.99 46.59
N ASN E 21 -8.66 -10.49 46.17
CA ASN E 21 -9.12 -10.74 44.80
C ASN E 21 -9.13 -9.50 43.89
N VAL E 22 -8.81 -9.73 42.62
CA VAL E 22 -8.77 -8.65 41.64
C VAL E 22 -9.37 -9.14 40.32
N THR E 23 -9.97 -8.23 39.55
CA THR E 23 -10.61 -8.56 38.27
C THR E 23 -10.03 -7.84 37.06
N LEU E 24 -9.60 -8.61 36.06
CA LEU E 24 -9.03 -8.03 34.84
C LEU E 24 -10.00 -8.05 33.67
N THR E 25 -10.52 -6.87 33.32
CA THR E 25 -11.48 -6.74 32.23
C THR E 25 -10.76 -6.28 30.96
N CYS E 26 -11.04 -6.91 29.82
CA CYS E 26 -10.41 -6.54 28.56
C CYS E 26 -11.12 -5.34 27.94
N ASN E 27 -10.36 -4.47 27.29
CA ASN E 27 -10.88 -3.26 26.65
C ASN E 27 -12.40 -3.24 26.48
N GLY E 28 -13.06 -2.65 27.46
CA GLY E 28 -14.51 -2.54 27.47
C GLY E 28 -14.90 -2.02 28.83
N ASN E 29 -15.55 -0.86 28.87
CA ASN E 29 -15.94 -0.22 30.12
C ASN E 29 -17.09 -0.95 30.85
N ASN E 30 -18.20 -1.20 30.14
CA ASN E 30 -19.34 -1.86 30.77
C ASN E 30 -19.86 -3.13 30.08
N PHE E 31 -20.45 -2.98 28.89
CA PHE E 31 -21.02 -4.13 28.18
C PHE E 31 -20.30 -4.50 26.89
N PHE E 32 -19.86 -5.76 26.82
CA PHE E 32 -19.16 -6.29 25.65
C PHE E 32 -19.91 -7.47 25.07
N GLU E 33 -19.48 -7.92 23.89
CA GLU E 33 -20.17 -9.01 23.22
C GLU E 33 -19.40 -10.32 23.00
N VAL E 34 -18.23 -10.22 22.36
CA VAL E 34 -17.43 -11.41 22.05
C VAL E 34 -17.12 -12.33 23.24
N SER E 35 -17.00 -13.63 22.94
CA SER E 35 -16.68 -14.65 23.94
C SER E 35 -15.27 -15.15 23.70
N SER E 36 -14.63 -14.62 22.65
CA SER E 36 -13.26 -14.99 22.30
C SER E 36 -12.27 -13.90 22.74
N THR E 37 -11.77 -14.06 23.96
CA THR E 37 -10.82 -13.13 24.54
C THR E 37 -9.62 -13.95 25.00
N LYS E 38 -8.44 -13.43 24.75
CA LYS E 38 -7.22 -14.13 25.11
C LYS E 38 -6.53 -13.51 26.34
N TRP E 39 -5.93 -14.35 27.15
CA TRP E 39 -5.20 -13.88 28.34
C TRP E 39 -3.83 -14.54 28.34
N PHE E 40 -2.79 -13.76 28.59
CA PHE E 40 -1.45 -14.34 28.58
C PHE E 40 -0.64 -14.05 29.86
N HIS E 41 -0.93 -14.82 30.92
CA HIS E 41 -0.24 -14.70 32.20
C HIS E 41 1.25 -15.12 32.09
N ASN E 42 2.15 -14.13 32.08
CA ASN E 42 3.60 -14.37 31.95
C ASN E 42 3.89 -14.88 30.54
N GLY E 43 3.02 -14.52 29.59
CA GLY E 43 3.19 -14.95 28.21
C GLY E 43 2.39 -16.20 27.91
N SER E 44 2.40 -17.16 28.84
CA SER E 44 1.69 -18.42 28.69
C SER E 44 0.18 -18.21 28.56
N LEU E 45 -0.40 -18.72 27.49
CA LEU E 45 -1.84 -18.57 27.28
C LEU E 45 -2.60 -19.08 28.50
N SER E 46 -3.77 -18.48 28.74
CA SER E 46 -4.59 -18.85 29.89
C SER E 46 -5.81 -19.67 29.47
N GLU E 47 -6.52 -20.20 30.46
CA GLU E 47 -7.69 -21.04 30.22
C GLU E 47 -9.05 -20.33 30.15
N GLU E 48 -9.10 -19.07 30.56
CA GLU E 48 -10.37 -18.34 30.50
C GLU E 48 -10.55 -17.77 29.10
N THR E 49 -11.80 -17.50 28.73
CA THR E 49 -12.12 -16.95 27.41
C THR E 49 -13.01 -15.73 27.56
N ASN E 50 -13.76 -15.71 28.64
CA ASN E 50 -14.65 -14.60 28.93
C ASN E 50 -13.80 -13.33 28.98
N SER E 51 -14.37 -12.15 28.69
CA SER E 51 -13.59 -10.91 28.73
C SER E 51 -13.14 -10.49 30.14
N SER E 52 -13.76 -11.06 31.16
CA SER E 52 -13.41 -10.72 32.54
C SER E 52 -12.69 -11.87 33.22
N LEU E 53 -11.39 -11.73 33.40
CA LEU E 53 -10.60 -12.76 34.06
C LEU E 53 -10.44 -12.43 35.54
N ASN E 54 -11.15 -13.19 36.38
CA ASN E 54 -11.09 -12.96 37.80
C ASN E 54 -9.89 -13.64 38.42
N ILE E 55 -9.53 -13.15 39.61
CA ILE E 55 -8.41 -13.64 40.41
C ILE E 55 -8.87 -13.74 41.84
N VAL E 56 -8.93 -14.95 42.38
CA VAL E 56 -9.37 -15.13 43.75
C VAL E 56 -8.16 -15.21 44.66
N ASN E 57 -8.35 -15.72 45.88
CA ASN E 57 -7.27 -15.84 46.87
C ASN E 57 -5.90 -15.75 46.24
N ALA E 58 -5.37 -14.52 46.23
CA ALA E 58 -4.08 -14.17 45.66
C ALA E 58 -2.85 -14.94 46.14
N LYS E 59 -2.33 -15.78 45.24
CA LYS E 59 -1.14 -16.59 45.51
C LYS E 59 0.01 -15.91 44.78
N PHE E 60 1.14 -15.86 45.44
CA PHE E 60 2.32 -15.21 44.88
C PHE E 60 2.50 -15.46 43.39
N GLU E 61 2.07 -16.64 42.93
CA GLU E 61 2.21 -17.03 41.52
C GLU E 61 1.38 -16.16 40.59
N ASP E 62 0.32 -15.55 41.14
CA ASP E 62 -0.56 -14.70 40.35
C ASP E 62 0.14 -13.40 39.99
N SER E 63 1.15 -13.04 40.77
CA SER E 63 1.90 -11.82 40.51
C SER E 63 2.55 -12.01 39.11
N GLY E 64 2.32 -11.07 38.20
CA GLY E 64 2.91 -11.22 36.89
C GLY E 64 2.48 -10.22 35.85
N GLU E 65 2.78 -10.55 34.59
CA GLU E 65 2.47 -9.73 33.42
C GLU E 65 1.32 -10.35 32.62
N TYR E 66 0.23 -9.60 32.45
CA TYR E 66 -0.94 -10.09 31.73
C TYR E 66 -1.26 -9.29 30.47
N LYS E 67 -2.19 -9.82 29.66
CA LYS E 67 -2.63 -9.17 28.42
C LYS E 67 -3.79 -9.89 27.72
N CYS E 68 -4.55 -9.13 26.94
CA CYS E 68 -5.68 -9.69 26.18
C CYS E 68 -5.63 -9.23 24.73
N GLN E 69 -6.16 -10.09 23.86
CA GLN E 69 -6.21 -9.86 22.43
C GLN E 69 -7.47 -10.53 21.85
N HIS E 70 -8.03 -9.92 20.80
CA HIS E 70 -9.22 -10.49 20.19
C HIS E 70 -8.89 -11.33 18.96
N GLN E 71 -9.93 -11.70 18.21
CA GLN E 71 -9.75 -12.52 17.00
C GLN E 71 -8.80 -11.86 15.99
N GLN E 72 -9.04 -10.59 15.70
CA GLN E 72 -8.21 -9.84 14.75
C GLN E 72 -7.76 -8.49 15.35
N VAL E 73 -7.10 -8.55 16.50
CA VAL E 73 -6.62 -7.35 17.16
C VAL E 73 -5.26 -7.65 17.77
N ASN E 74 -4.38 -6.66 17.77
CA ASN E 74 -3.05 -6.86 18.34
C ASN E 74 -3.10 -6.79 19.87
N GLU E 75 -2.55 -7.80 20.52
CA GLU E 75 -2.52 -7.90 21.99
C GLU E 75 -2.27 -6.60 22.74
N SER E 76 -3.00 -6.41 23.84
CA SER E 76 -2.90 -5.20 24.67
C SER E 76 -1.57 -5.03 25.37
N GLU E 77 -1.26 -3.80 25.76
CA GLU E 77 -0.01 -3.51 26.46
C GLU E 77 -0.06 -4.21 27.80
N PRO E 78 0.82 -5.19 28.02
CA PRO E 78 0.86 -5.96 29.27
C PRO E 78 0.71 -5.08 30.50
N VAL E 79 0.25 -5.68 31.60
CA VAL E 79 0.12 -4.94 32.85
C VAL E 79 0.74 -5.86 33.87
N TYR E 80 1.45 -5.31 34.86
CA TYR E 80 2.06 -6.15 35.86
C TYR E 80 1.30 -6.09 37.18
N LEU E 81 1.15 -7.23 37.80
CA LEU E 81 0.45 -7.34 39.06
C LEU E 81 1.44 -7.88 40.08
N GLU E 82 1.57 -7.21 41.23
CA GLU E 82 2.48 -7.69 42.26
C GLU E 82 1.69 -7.99 43.53
N VAL E 83 2.03 -9.11 44.18
CA VAL E 83 1.38 -9.51 45.43
C VAL E 83 2.36 -9.48 46.60
N PHE E 84 1.87 -9.00 47.74
CA PHE E 84 2.71 -8.82 48.91
C PHE E 84 2.21 -9.40 50.21
N SER E 85 3.17 -9.57 51.12
CA SER E 85 2.91 -10.05 52.47
C SER E 85 3.67 -9.08 53.37
N ASP E 86 2.94 -8.30 54.16
CA ASP E 86 3.52 -7.31 55.06
C ASP E 86 2.44 -6.63 55.87
N TRP E 87 2.83 -5.88 56.91
CA TRP E 87 1.84 -5.19 57.73
C TRP E 87 1.14 -4.10 56.94
N LEU E 88 1.92 -3.21 56.33
CA LEU E 88 1.35 -2.14 55.52
C LEU E 88 1.87 -2.13 54.08
N LEU E 89 0.99 -1.88 53.12
CA LEU E 89 1.38 -1.81 51.71
C LEU E 89 0.86 -0.51 51.13
N LEU E 90 1.72 0.23 50.46
CA LEU E 90 1.27 1.50 49.87
C LEU E 90 0.70 1.28 48.49
N GLN E 91 -0.59 1.52 48.31
CA GLN E 91 -1.20 1.32 47.00
C GLN E 91 -1.38 2.60 46.19
N ALA E 92 -1.09 2.51 44.89
CA ALA E 92 -1.23 3.66 44.00
C ALA E 92 -2.14 3.29 42.84
N SER E 93 -2.96 4.26 42.41
CA SER E 93 -3.90 4.10 41.30
C SER E 93 -3.08 3.67 40.08
N ALA E 94 -2.17 4.53 39.66
CA ALA E 94 -1.29 4.26 38.54
C ALA E 94 0.10 4.66 39.06
N GLU E 95 1.17 4.09 38.51
CA GLU E 95 2.50 4.44 38.97
C GLU E 95 3.14 5.53 38.12
N VAL E 96 2.64 5.66 36.88
CA VAL E 96 3.14 6.67 35.94
C VAL E 96 1.98 7.54 35.44
N VAL E 97 2.13 8.85 35.50
CA VAL E 97 1.03 9.71 35.08
C VAL E 97 1.35 10.90 34.18
N MET E 98 0.35 11.28 33.36
CA MET E 98 0.42 12.41 32.44
C MET E 98 0.04 13.69 33.18
N GLU E 99 0.91 14.70 33.16
CA GLU E 99 0.65 15.95 33.86
C GLU E 99 -0.82 16.34 33.71
N GLY E 100 -1.50 16.58 34.82
CA GLY E 100 -2.90 16.96 34.74
C GLY E 100 -3.89 15.88 35.15
N GLN E 101 -3.49 14.61 35.09
CA GLN E 101 -4.35 13.49 35.46
C GLN E 101 -4.58 13.32 36.96
N PRO E 102 -5.46 12.37 37.34
CA PRO E 102 -5.72 12.16 38.77
C PRO E 102 -4.78 11.12 39.40
N LEU E 103 -4.52 11.31 40.69
CA LEU E 103 -3.64 10.42 41.42
C LEU E 103 -4.16 10.04 42.80
N PHE E 104 -4.31 8.75 43.08
CA PHE E 104 -4.78 8.33 44.41
C PHE E 104 -3.81 7.36 45.08
N LEU E 105 -3.37 7.69 46.31
CA LEU E 105 -2.47 6.82 47.06
C LEU E 105 -3.21 6.32 48.29
N ARG E 106 -2.89 5.10 48.71
CA ARG E 106 -3.59 4.54 49.85
C ARG E 106 -2.67 3.76 50.75
N CYS E 107 -2.70 4.07 52.05
CA CYS E 107 -1.87 3.34 53.01
C CYS E 107 -2.74 2.18 53.38
N HIS E 108 -2.43 1.00 52.84
CA HIS E 108 -3.23 -0.20 53.08
C HIS E 108 -2.74 -1.11 54.18
N GLY E 109 -3.63 -1.38 55.13
CA GLY E 109 -3.29 -2.25 56.24
C GLY E 109 -3.45 -3.69 55.83
N TRP E 110 -2.93 -4.63 56.62
CA TRP E 110 -3.05 -6.05 56.32
C TRP E 110 -4.43 -6.58 56.77
N ARG E 111 -4.93 -7.62 56.09
CA ARG E 111 -6.24 -8.20 56.39
C ARG E 111 -7.31 -7.11 56.50
N ASN E 112 -7.11 -6.05 55.75
CA ASN E 112 -8.04 -4.94 55.76
C ASN E 112 -8.35 -4.49 57.18
N TRP E 113 -7.39 -4.61 58.10
CA TRP E 113 -7.60 -4.16 59.47
C TRP E 113 -7.69 -2.64 59.49
N ASP E 114 -7.68 -2.06 60.68
CA ASP E 114 -7.76 -0.61 60.78
C ASP E 114 -6.43 -0.03 61.25
N VAL E 115 -5.97 1.02 60.56
CA VAL E 115 -4.73 1.69 60.92
C VAL E 115 -4.99 3.10 61.45
N TYR E 116 -4.23 3.50 62.48
CA TYR E 116 -4.38 4.82 63.10
C TYR E 116 -3.07 5.61 63.05
N LYS E 117 -3.14 6.89 63.42
CA LYS E 117 -1.99 7.80 63.42
C LYS E 117 -1.18 7.73 62.10
N VAL E 118 -1.88 7.85 61.00
CA VAL E 118 -1.25 7.77 59.69
C VAL E 118 -0.58 9.03 59.17
N ILE E 119 0.55 8.81 58.51
CA ILE E 119 1.34 9.87 57.91
C ILE E 119 1.91 9.37 56.59
N TYR E 120 1.75 10.14 55.54
CA TYR E 120 2.31 9.73 54.28
C TYR E 120 3.62 10.48 54.16
N TYR E 121 4.58 9.93 53.44
CA TYR E 121 5.87 10.60 53.25
C TYR E 121 6.30 10.63 51.77
N LYS E 122 6.77 11.79 51.32
CA LYS E 122 7.25 11.92 49.96
C LYS E 122 8.67 12.44 50.02
N ASP E 123 9.62 11.63 49.57
CA ASP E 123 11.04 12.02 49.58
C ASP E 123 11.56 12.38 50.95
N GLY E 124 11.31 11.50 51.92
CA GLY E 124 11.78 11.70 53.28
C GLY E 124 11.09 12.77 54.10
N GLU E 125 10.17 13.51 53.48
CA GLU E 125 9.43 14.59 54.14
C GLU E 125 8.04 14.16 54.64
N ALA E 126 7.67 14.63 55.83
CA ALA E 126 6.36 14.32 56.37
C ALA E 126 5.40 15.06 55.45
N LEU E 127 4.28 14.46 55.08
CA LEU E 127 3.35 15.12 54.15
C LEU E 127 1.93 15.41 54.61
N LYS E 128 1.20 14.35 54.97
CA LYS E 128 -0.16 14.50 55.46
C LYS E 128 -0.31 13.64 56.72
N TYR E 129 -1.28 13.97 57.57
CA TYR E 129 -1.49 13.21 58.80
C TYR E 129 -2.94 13.12 59.28
N TRP E 130 -3.35 11.93 59.73
CA TRP E 130 -4.70 11.70 60.24
C TRP E 130 -4.71 10.66 61.35
N TYR E 131 -5.85 10.54 62.02
CA TYR E 131 -6.03 9.58 63.10
C TYR E 131 -6.60 8.35 62.39
N GLU E 132 -7.92 8.26 62.29
CA GLU E 132 -8.51 7.15 61.54
C GLU E 132 -7.94 7.52 60.17
N ASN E 133 -7.29 6.58 59.49
CA ASN E 133 -6.64 6.95 58.24
C ASN E 133 -7.49 7.47 57.06
N HIS E 134 -6.80 7.83 55.98
CA HIS E 134 -7.46 8.39 54.81
C HIS E 134 -6.81 7.85 53.52
N ASN E 135 -7.10 8.50 52.40
CA ASN E 135 -6.57 8.11 51.09
C ASN E 135 -6.04 9.35 50.36
N ILE E 136 -4.81 9.78 50.64
CA ILE E 136 -4.26 10.98 49.96
C ILE E 136 -4.62 11.02 48.47
N SER E 137 -5.51 11.93 48.11
CA SER E 137 -6.01 12.09 46.74
C SER E 137 -5.54 13.30 45.97
N ILE E 138 -5.42 13.12 44.66
CA ILE E 138 -4.99 14.18 43.77
C ILE E 138 -5.78 14.23 42.48
N THR E 139 -6.42 15.36 42.22
CA THR E 139 -7.23 15.55 41.02
C THR E 139 -6.34 15.89 39.83
N ASN E 140 -5.93 17.14 39.83
CA ASN E 140 -5.06 17.76 38.83
C ASN E 140 -3.63 17.43 39.28
N ALA E 141 -2.88 16.68 38.48
CA ALA E 141 -1.52 16.30 38.86
C ALA E 141 -0.40 17.18 38.29
N THR E 142 0.46 17.66 39.19
CA THR E 142 1.60 18.49 38.83
C THR E 142 2.80 17.59 38.65
N VAL E 143 3.81 18.06 37.93
CA VAL E 143 4.99 17.23 37.73
C VAL E 143 5.82 17.15 39.00
N GLU E 144 5.65 18.15 39.87
CA GLU E 144 6.39 18.16 41.11
C GLU E 144 5.85 17.10 42.05
N ASP E 145 4.70 16.53 41.71
CA ASP E 145 4.12 15.46 42.54
C ASP E 145 4.88 14.15 42.40
N SER E 146 5.73 14.06 41.37
CA SER E 146 6.55 12.86 41.12
C SER E 146 7.61 12.68 42.21
N GLY E 147 7.66 11.50 42.79
CA GLY E 147 8.64 11.24 43.83
C GLY E 147 8.54 9.83 44.40
N THR E 148 9.13 9.64 45.58
CA THR E 148 9.09 8.33 46.26
C THR E 148 8.31 8.41 47.60
N TYR E 149 7.17 7.73 47.64
CA TYR E 149 6.32 7.76 48.80
C TYR E 149 6.38 6.48 49.63
N TYR E 150 5.86 6.59 50.85
CA TYR E 150 5.74 5.50 51.83
C TYR E 150 4.88 6.05 52.98
N CYS E 151 4.21 5.19 53.72
CA CYS E 151 3.39 5.66 54.83
C CYS E 151 3.70 4.97 56.17
N THR E 152 3.31 5.60 57.26
CA THR E 152 3.54 5.03 58.58
C THR E 152 2.23 5.07 59.38
N GLY E 153 2.03 4.06 60.22
CA GLY E 153 0.82 4.02 61.03
C GLY E 153 0.84 3.02 62.15
N LYS E 154 -0.14 3.11 63.05
CA LYS E 154 -0.23 2.22 64.19
C LYS E 154 -1.33 1.18 63.97
N VAL E 155 -0.95 -0.10 63.97
CA VAL E 155 -1.85 -1.24 63.79
C VAL E 155 -1.97 -1.91 65.15
N TRP E 156 -3.20 -2.14 65.62
CA TRP E 156 -3.40 -2.74 66.94
C TRP E 156 -2.76 -1.76 67.90
N GLN E 157 -1.53 -2.08 68.31
CA GLN E 157 -0.80 -1.21 69.22
C GLN E 157 0.68 -1.06 68.90
N LEU E 158 1.04 -1.31 67.64
CA LEU E 158 2.44 -1.16 67.22
C LEU E 158 2.58 -0.32 65.95
N ASP E 159 3.73 0.34 65.80
CA ASP E 159 3.98 1.18 64.63
C ASP E 159 4.60 0.37 63.50
N TYR E 160 4.29 0.73 62.26
CA TYR E 160 4.83 0.05 61.11
C TYR E 160 5.06 0.99 59.96
N GLU E 161 6.09 0.68 59.19
CA GLU E 161 6.50 1.47 58.04
C GLU E 161 6.21 0.65 56.79
N SER E 162 5.83 1.32 55.70
CA SER E 162 5.50 0.63 54.45
C SER E 162 6.68 0.58 53.51
N GLU E 163 6.62 -0.31 52.53
CA GLU E 163 7.71 -0.39 51.56
C GLU E 163 7.61 0.95 50.82
N PRO E 164 8.75 1.49 50.33
CA PRO E 164 8.78 2.77 49.60
C PRO E 164 8.35 2.64 48.14
N LEU E 165 7.62 3.63 47.62
CA LEU E 165 7.15 3.54 46.24
C LEU E 165 7.47 4.73 45.35
N ASN E 166 8.03 4.43 44.17
CA ASN E 166 8.36 5.48 43.20
C ASN E 166 7.19 5.86 42.33
N ILE E 167 7.07 7.13 42.00
CA ILE E 167 5.97 7.59 41.15
C ILE E 167 6.42 8.64 40.15
N THR E 168 6.07 8.46 38.89
CA THR E 168 6.50 9.44 37.91
C THR E 168 5.40 10.08 37.08
N VAL E 169 5.37 11.41 37.12
CA VAL E 169 4.42 12.18 36.36
C VAL E 169 5.20 12.82 35.22
N ILE E 170 4.93 12.37 34.00
CA ILE E 170 5.60 12.89 32.80
C ILE E 170 4.73 13.95 32.11
N LYS E 171 5.30 14.72 31.20
CA LYS E 171 4.51 15.75 30.53
C LYS E 171 4.39 15.59 29.02
C1 NAG F . 28.84 -11.25 15.98
C2 NAG F . 27.46 -11.54 16.60
C3 NAG F . 27.39 -12.97 17.14
C4 NAG F . 27.80 -13.99 16.07
C5 NAG F . 29.16 -13.56 15.42
C6 NAG F . 29.57 -14.38 14.22
C7 NAG F . 25.94 -10.24 17.94
C8 NAG F . 25.75 -9.14 18.98
N2 NAG F . 27.19 -10.60 17.67
O3 NAG F . 26.07 -13.24 17.60
O4 NAG F . 27.96 -15.28 16.72
O5 NAG F . 29.09 -12.20 14.94
O6 NAG F . 28.55 -14.44 13.24
O7 NAG F . 24.96 -10.75 17.39
C1 NAG F . 27.79 -16.40 15.91
C2 NAG F . 29.07 -17.29 15.92
C3 NAG F . 28.80 -18.47 15.00
C4 NAG F . 27.54 -19.24 15.41
C5 NAG F . 26.34 -18.27 15.56
C6 NAG F . 25.10 -18.94 16.13
C7 NAG F . 31.27 -16.28 16.24
C8 NAG F . 32.34 -15.39 15.63
N2 NAG F . 30.22 -16.53 15.46
O3 NAG F . 29.92 -19.34 14.99
O4 NAG F . 27.24 -20.22 14.39
O5 NAG F . 26.68 -17.16 16.42
O6 NAG F . 23.98 -18.73 15.28
O7 NAG F . 31.39 -16.72 17.39
C1 NAG G . 42.44 4.60 19.84
C2 NAG G . 42.80 3.23 20.43
C3 NAG G . 41.77 2.89 21.48
C4 NAG G . 41.76 3.97 22.56
C5 NAG G . 41.59 5.37 21.95
C6 NAG G . 41.84 6.47 22.98
C7 NAG G . 43.95 1.53 19.20
C8 NAG G . 43.93 0.45 18.12
N2 NAG G . 42.83 2.22 19.39
O3 NAG G . 42.08 1.62 22.06
O4 NAG G . 40.68 3.72 23.47
O5 NAG G . 42.53 5.60 20.87
O6 NAG G . 40.64 7.16 23.31
O7 NAG G . 44.98 1.72 19.85
C1 NAG G . 41.00 3.57 24.81
C2 NAG G . 39.73 3.80 25.63
C3 NAG G . 40.05 3.54 27.09
C4 NAG G . 40.44 2.07 27.27
C5 NAG G . 41.70 1.85 26.41
C6 NAG G . 42.20 0.42 26.44
C7 NAG G . 37.97 5.37 25.34
C8 NAG G . 37.51 6.82 25.27
N2 NAG G . 39.27 5.16 25.47
O3 NAG G . 38.96 3.90 27.91
O4 NAG G . 40.75 1.89 28.66
O5 NAG G . 41.45 2.20 25.01
O6 NAG G . 41.29 -0.48 25.82
O7 NAG G . 37.14 4.46 25.27
C1 BMA G . 40.66 0.65 29.26
C2 BMA G . 41.90 0.46 30.17
C3 BMA G . 41.80 -0.74 31.10
C4 BMA G . 40.48 -0.63 31.85
C5 BMA G . 39.31 -0.55 30.84
C6 BMA G . 37.91 -0.56 31.45
O2 BMA G . 42.09 1.63 30.96
O3 BMA G . 42.92 -0.73 32.00
O4 BMA G . 40.33 -1.73 32.74
O5 BMA G . 39.44 0.64 30.05
O6 BMA G . 37.60 0.69 32.05
C1 NAG H . 26.83 17.95 28.14
C2 NAG H . 28.11 17.57 28.88
C3 NAG H . 28.16 18.31 30.21
C4 NAG H . 27.95 19.81 30.04
C5 NAG H . 26.71 20.09 29.16
C6 NAG H . 26.55 21.55 28.79
C7 NAG H . 28.66 15.30 28.25
C8 NAG H . 28.56 13.81 28.54
N2 NAG H . 28.12 16.13 29.12
O3 NAG H . 29.42 18.08 30.83
O4 NAG H . 27.75 20.40 31.34
O5 NAG H . 26.80 19.36 27.92
O6 NAG H . 25.31 21.78 28.13
O7 NAG H . 29.24 15.68 27.22
C1 NAG H . 28.58 21.46 31.67
C2 NAG H . 27.93 22.30 32.78
C3 NAG H . 28.85 23.48 33.09
C4 NAG H . 30.24 22.95 33.50
C5 NAG H . 30.79 22.00 32.42
C6 NAG H . 32.08 21.31 32.84
C7 NAG H . 25.55 22.28 33.01
C8 NAG H . 24.19 22.81 32.55
N2 NAG H . 26.62 22.76 32.38
O3 NAG H . 28.30 24.26 34.15
O4 NAG H . 31.14 24.05 33.69
O5 NAG H . 29.83 20.94 32.13
O6 NAG H . 31.89 19.91 33.01
O7 NAG H . 25.61 21.45 33.91
C1 NAG I . -11.20 -31.27 -3.71
C2 NAG I . -12.35 -32.27 -3.88
C3 NAG I . -11.85 -33.71 -3.70
C4 NAG I . -10.64 -33.99 -4.61
C5 NAG I . -9.58 -32.87 -4.44
C6 NAG I . -8.42 -32.94 -5.41
C7 NAG I . -14.66 -32.26 -3.21
C8 NAG I . -15.72 -31.79 -2.24
N2 NAG I . -13.40 -31.99 -2.92
O3 NAG I . -12.89 -34.64 -3.97
O4 NAG I . -10.08 -35.27 -4.21
O5 NAG I . -10.17 -31.56 -4.65
O6 NAG I . -8.88 -33.03 -6.76
O7 NAG I . -14.99 -32.87 -4.25
C1 NAG I . -9.35 -35.95 -5.20
C2 NAG I . -7.89 -36.22 -4.71
C3 NAG I . -7.18 -36.95 -5.85
C4 NAG I . -7.92 -38.25 -6.22
C5 NAG I . -9.40 -37.94 -6.51
C6 NAG I . -10.24 -39.19 -6.76
C7 NAG I . -6.77 -34.67 -3.19
C8 NAG I . -6.17 -33.27 -3.04
N2 NAG I . -7.21 -34.96 -4.42
O3 NAG I . -5.84 -37.22 -5.49
O4 NAG I . -7.29 -38.81 -7.39
O5 NAG I . -10.01 -37.20 -5.44
O6 NAG I . -10.93 -39.10 -8.00
O7 NAG I . -6.83 -35.43 -2.21
C1 NAG J . -9.96 -14.27 9.01
C2 NAG J . -9.18 -15.51 9.43
C3 NAG J . -10.17 -16.62 9.78
C4 NAG J . -11.10 -16.12 10.90
C5 NAG J . -11.75 -14.77 10.53
C6 NAG J . -12.47 -14.16 11.73
C7 NAG J . -6.97 -16.03 8.62
C8 NAG J . -6.08 -16.50 7.49
N2 NAG J . -8.28 -15.96 8.38
O3 NAG J . -9.48 -17.79 10.21
O4 NAG J . -12.13 -17.10 11.10
O5 NAG J . -10.76 -13.80 10.10
O6 NAG J . -13.88 -14.18 11.57
O7 NAG J . -6.48 -15.72 9.71
C1 NAG J . -12.27 -17.61 12.38
C2 NAG J . -13.66 -18.23 12.49
C3 NAG J . -13.78 -18.92 13.83
C4 NAG J . -12.77 -20.06 13.92
C5 NAG J . -11.38 -19.41 13.77
C6 NAG J . -10.25 -20.42 13.78
C7 NAG J . -15.76 -17.45 11.66
C8 NAG J . -16.83 -16.38 11.63
N2 NAG J . -14.67 -17.21 12.38
O3 NAG J . -15.10 -19.38 14.04
O4 NAG J . -12.90 -20.63 15.23
O5 NAG J . -11.26 -18.65 12.53
O6 NAG J . -10.32 -21.29 12.66
O7 NAG J . -15.93 -18.51 11.04
C1 BMA J . -12.53 -21.95 15.48
C2 BMA J . -11.77 -21.96 16.84
C3 BMA J . -11.53 -23.37 17.36
C4 BMA J . -12.88 -24.09 17.40
C5 BMA J . -13.50 -24.08 15.97
C6 BMA J . -14.80 -24.85 15.82
O2 BMA J . -12.49 -21.22 17.81
O3 BMA J . -10.97 -23.29 18.69
O4 BMA J . -12.71 -25.42 17.87
O5 BMA J . -13.75 -22.72 15.58
O6 BMA J . -15.90 -24.18 16.43
C1 NAG K . -31.94 -12.26 10.86
C2 NAG K . -31.01 -12.40 12.05
C3 NAG K . -31.80 -12.27 13.36
C4 NAG K . -32.67 -11.01 13.37
C5 NAG K . -33.49 -10.89 12.06
C6 NAG K . -34.25 -9.58 11.93
C7 NAG K . -29.22 -13.86 11.37
C8 NAG K . -28.64 -15.26 11.30
N2 NAG K . -30.37 -13.70 12.01
O3 NAG K . -30.90 -12.23 14.45
O4 NAG K . -33.58 -11.09 14.50
O5 NAG K . -32.60 -10.99 10.92
O6 NAG K . -35.14 -9.62 10.83
O7 NAG K . -28.62 -12.92 10.83
C1 NAG K . -33.59 -10.01 15.37
C2 NAG K . -34.90 -10.00 16.16
C3 NAG K . -34.89 -8.78 17.08
C4 NAG K . -33.66 -8.84 18.01
C5 NAG K . -32.37 -9.01 17.18
C6 NAG K . -31.15 -9.25 18.06
C7 NAG K . -36.84 -11.03 15.20
C8 NAG K . -38.03 -10.93 14.25
N2 NAG K . -36.04 -9.98 15.27
O3 NAG K . -36.08 -8.73 17.85
O4 NAG K . -33.60 -7.65 18.79
O5 NAG K . -32.48 -10.14 16.28
O6 NAG K . -30.63 -10.56 17.88
O7 NAG K . -36.67 -12.06 15.86
C1 NAG L . 21.29 19.81 -6.22
C2 NAG L . 22.71 19.49 -6.70
C3 NAG L . 23.69 19.42 -5.50
C4 NAG L . 23.58 20.67 -4.62
C5 NAG L . 22.08 20.96 -4.28
C6 NAG L . 21.85 22.28 -3.57
C7 NAG L . 23.60 18.06 -8.42
C8 NAG L . 23.43 16.80 -9.26
N2 NAG L . 22.73 18.23 -7.43
O3 NAG L . 25.02 19.25 -5.97
O4 NAG L . 24.32 20.40 -3.39
O5 NAG L . 21.29 21.03 -5.48
O6 NAG L . 22.45 23.36 -4.27
O7 NAG L . 24.51 18.86 -8.68
C1 NAG L . 24.81 21.53 -2.72
C2 NAG L . 24.26 21.59 -1.26
C3 NAG L . 24.82 22.85 -0.61
C4 NAG L . 26.36 22.86 -0.66
C5 NAG L . 26.84 22.63 -2.12
C6 NAG L . 28.35 22.49 -2.25
C7 NAG L . 22.06 20.67 -0.75
C8 NAG L . 20.56 20.83 -0.92
N2 NAG L . 22.79 21.65 -1.27
O3 NAG L . 24.37 22.95 0.73
O4 NAG L . 26.82 24.13 -0.19
O5 NAG L . 26.24 21.45 -2.68
O6 NAG L . 28.86 23.44 -3.19
O7 NAG L . 22.52 19.69 -0.15
C1 NAG M . 3.14 9.49 -10.37
C2 NAG M . 3.78 9.30 -8.98
C3 NAG M . 5.10 8.56 -9.15
C4 NAG M . 4.84 7.22 -9.84
C5 NAG M . 4.04 7.40 -11.15
C6 NAG M . 3.58 6.07 -11.73
C7 NAG M . 3.42 10.80 -7.14
C8 NAG M . 3.69 12.13 -6.48
N2 NAG M . 4.00 10.57 -8.32
O3 NAG M . 5.71 8.35 -7.89
O4 NAG M . 6.10 6.59 -10.14
O5 NAG M . 2.84 8.21 -10.94
O6 NAG M . 4.28 5.75 -12.92
O7 NAG M . 2.69 9.97 -6.59
C1 NAG M . 6.32 5.31 -9.63
C2 NAG M . 7.44 4.66 -10.43
C3 NAG M . 7.77 3.32 -9.82
C4 NAG M . 8.26 3.51 -8.38
C5 NAG M . 7.12 4.21 -7.62
C6 NAG M . 7.48 4.53 -6.18
C7 NAG M . 7.95 4.74 -12.76
C8 NAG M . 7.52 4.47 -14.19
N2 NAG M . 7.06 4.48 -11.81
O3 NAG M . 8.71 2.63 -10.61
O4 NAG M . 8.52 2.20 -7.85
O5 NAG M . 6.72 5.47 -8.26
O6 NAG M . 8.49 5.52 -6.09
O7 NAG M . 9.09 5.17 -12.53
C1 BMA M . 9.42 2.02 -6.81
C2 BMA M . 8.77 1.03 -5.80
C3 BMA M . 9.76 0.53 -4.74
C4 BMA M . 10.98 -0.02 -5.48
C5 BMA M . 11.58 1.08 -6.37
C6 BMA M . 12.88 0.73 -7.09
O2 BMA M . 8.24 -0.09 -6.50
O3 BMA M . 9.14 -0.49 -3.96
O4 BMA M . 11.93 -0.51 -4.55
O5 BMA M . 10.62 1.46 -7.37
O6 BMA M . 12.66 -0.16 -8.18
C1 NAG N . 11.02 0.13 -28.86
C2 NAG N . 10.45 -0.66 -27.69
C3 NAG N . 10.39 -2.14 -28.04
C4 NAG N . 9.68 -2.37 -29.39
C5 NAG N . 10.25 -1.42 -30.47
C6 NAG N . 9.48 -1.47 -31.77
C7 NAG N . 11.05 0.52 -25.67
C8 NAG N . 12.01 0.69 -24.51
N2 NAG N . 11.28 -0.48 -26.52
O3 NAG N . 9.69 -2.85 -27.03
O4 NAG N . 9.91 -3.73 -29.79
O5 NAG N . 10.20 -0.06 -30.01
O6 NAG N . 10.16 -0.73 -32.78
O7 NAG N . 10.11 1.29 -25.81
C1 NAG N . 8.80 -4.50 -30.10
C2 NAG N . 9.21 -5.71 -30.96
C3 NAG N . 7.94 -6.48 -31.33
C4 NAG N . 7.23 -6.93 -30.04
C5 NAG N . 6.97 -5.71 -29.12
C6 NAG N . 6.42 -6.11 -27.76
C7 NAG N . 11.21 -5.57 -32.30
C8 NAG N . 11.89 -5.10 -33.58
N2 NAG N . 9.92 -5.27 -32.15
O3 NAG N . 8.26 -7.60 -32.12
O4 NAG N . 6.00 -7.56 -30.36
O5 NAG N . 8.19 -4.97 -28.88
O6 NAG N . 7.36 -5.82 -26.73
O7 NAG N . 11.85 -6.19 -31.45
C1 NAG O . -23.86 -1.62 -23.35
C2 NAG O . -22.80 -0.75 -22.65
C3 NAG O . -22.74 -1.07 -21.15
C4 NAG O . -24.14 -1.00 -20.51
C5 NAG O . -25.17 -1.81 -21.36
C6 NAG O . -26.61 -1.64 -20.93
C7 NAG O . -20.58 -0.01 -23.27
C8 NAG O . -19.31 -0.27 -24.06
N2 NAG O . -21.50 -0.99 -23.25
O3 NAG O . -21.83 -0.19 -20.48
O4 NAG O . -24.04 -1.57 -19.17
O5 NAG O . -25.13 -1.41 -22.74
O6 NAG O . -26.95 -0.26 -20.80
O7 NAG O . -20.74 1.07 -22.68
C1 NAG O . -24.98 -1.11 -18.24
C2 NAG O . -25.84 -2.29 -17.68
C3 NAG O . -26.84 -1.68 -16.71
C4 NAG O . -26.14 -0.89 -15.60
C5 NAG O . -25.17 0.15 -16.23
C6 NAG O . -24.35 0.91 -15.21
C7 NAG O . -26.29 -4.26 -19.05
C8 NAG O . -27.01 -4.80 -20.28
N2 NAG O . -26.52 -2.98 -18.77
O3 NAG O . -27.65 -2.70 -16.15
O4 NAG O . -27.12 -0.22 -14.80
O5 NAG O . -24.28 -0.47 -17.16
O6 NAG O . -24.52 2.32 -15.37
O7 NAG O . -25.52 -4.99 -18.40
C1 NAG P . -22.10 -13.94 -40.57
C2 NAG P . -22.17 -14.65 -39.21
C3 NAG P . -20.92 -14.31 -38.42
C4 NAG P . -19.70 -14.75 -39.21
C5 NAG P . -19.71 -14.18 -40.64
C6 NAG P . -18.63 -14.81 -41.51
C7 NAG P . -24.24 -15.18 -38.10
C8 NAG P . -25.44 -14.72 -37.31
N2 NAG P . -23.36 -14.26 -38.48
O3 NAG P . -20.96 -14.96 -37.14
O4 NAG P . -18.51 -14.30 -38.53
O5 NAG P . -20.98 -14.45 -41.29
O6 NAG P . -17.63 -13.87 -41.86
O7 NAG P . -24.12 -16.39 -38.38
C1 NAG P . -17.58 -15.25 -38.16
C2 NAG P . -16.24 -14.56 -37.92
C3 NAG P . -15.24 -15.57 -37.42
C4 NAG P . -15.71 -16.13 -36.08
C5 NAG P . -17.07 -16.80 -36.34
C6 NAG P . -17.71 -17.37 -35.09
C7 NAG P . -15.20 -12.76 -39.09
C8 NAG P . -14.63 -12.21 -40.39
N2 NAG P . -15.75 -13.96 -39.14
O3 NAG P . -13.95 -15.00 -37.33
O4 NAG P . -14.74 -17.12 -35.66
O5 NAG P . -18.02 -15.87 -36.93
O6 NAG P . -18.09 -16.35 -34.18
O7 NAG P . -15.15 -12.09 -38.05
C1 BMA P . -14.57 -17.44 -34.33
C2 BMA P . -14.42 -18.98 -34.24
C3 BMA P . -13.96 -19.46 -32.87
C4 BMA P . -12.69 -18.70 -32.52
C5 BMA P . -12.99 -17.18 -32.54
C6 BMA P . -11.85 -16.26 -32.10
O2 BMA P . -13.49 -19.43 -35.21
O3 BMA P . -13.71 -20.87 -32.91
O4 BMA P . -12.22 -19.11 -31.25
O5 BMA P . -13.36 -16.79 -33.88
O6 BMA P . -10.81 -16.21 -33.06
C1 NAG Q . -4.03 -3.49 -48.00
C2 NAG Q . -4.10 -5.00 -47.74
C3 NAG Q . -2.79 -5.65 -48.18
C4 NAG Q . -2.39 -5.25 -49.60
C5 NAG Q . -2.49 -3.73 -49.80
C6 NAG Q . -2.30 -3.29 -51.24
C7 NAG Q . -5.57 -5.34 -45.84
C8 NAG Q . -5.71 -5.52 -44.34
N2 NAG Q . -4.33 -5.25 -46.33
O3 NAG Q . -2.91 -7.06 -48.09
O4 NAG Q . -1.03 -5.69 -49.84
O5 NAG Q . -3.78 -3.25 -49.40
O6 NAG Q . -2.22 -1.88 -51.33
O7 NAG Q . -6.58 -5.30 -46.56
C1 NAG Q . -0.80 -6.49 -50.95
C2 NAG Q . 0.68 -6.42 -51.34
C3 NAG Q . 0.87 -7.28 -52.60
C4 NAG Q . 0.44 -8.71 -52.31
C5 NAG Q . -1.01 -8.73 -51.78
C6 NAG Q . -1.43 -10.12 -51.31
C7 NAG Q . 1.96 -4.47 -50.72
C8 NAG Q . 2.37 -3.04 -51.03
N2 NAG Q . 1.10 -5.05 -51.57
O3 NAG Q . 2.23 -7.25 -53.02
O4 NAG Q . 0.53 -9.49 -53.49
O5 NAG Q . -1.15 -7.85 -50.63
O6 NAG Q . -1.64 -10.15 -49.91
O7 NAG Q . 2.41 -5.05 -49.73
C1 NAG R . -12.41 -12.97 47.62
C2 NAG R . -12.71 -12.10 48.86
C3 NAG R . -13.27 -12.96 50.01
C4 NAG R . -14.46 -13.81 49.54
C5 NAG R . -14.10 -14.57 48.23
C6 NAG R . -15.24 -15.31 47.57
C7 NAG R . -11.60 -10.22 49.87
C8 NAG R . -10.29 -9.51 50.15
N2 NAG R . -11.51 -11.42 49.29
O3 NAG R . -13.66 -12.12 51.10
O4 NAG R . -14.77 -14.77 50.59
O5 NAG R . -13.60 -13.66 47.21
O6 NAG R . -16.37 -14.46 47.39
O7 NAG R . -12.67 -9.71 50.17
C1 NAG R . -16.09 -15.22 50.61
C2 NAG R . -16.13 -16.78 50.47
C3 NAG R . -17.60 -17.19 50.50
C4 NAG R . -18.30 -16.68 51.78
C5 NAG R . -18.08 -15.16 51.93
C6 NAG R . -18.62 -14.60 53.24
C7 NAG R . -14.41 -17.95 49.20
C8 NAG R . -13.84 -18.22 47.83
N2 NAG R . -15.51 -17.19 49.23
O3 NAG R . -17.72 -18.59 50.41
O4 NAG R . -19.70 -16.96 51.70
O5 NAG R . -16.68 -14.83 51.86
O6 NAG R . -19.51 -13.52 52.99
O7 NAG R . -13.86 -18.41 50.21
C1 NAG S . 5.56 -14.66 36.40
C2 NAG S . 5.23 -15.81 37.36
C3 NAG S . 5.32 -15.29 38.79
C4 NAG S . 6.72 -14.72 39.05
C5 NAG S . 7.11 -13.69 37.97
C6 NAG S . 8.57 -13.30 38.06
C7 NAG S . 3.79 -17.64 36.80
C8 NAG S . 2.39 -18.16 36.56
N2 NAG S . 3.92 -16.35 37.10
O3 NAG S . 5.06 -16.35 39.72
O4 NAG S . 6.71 -14.09 40.34
O5 NAG S . 6.91 -14.21 36.62
O6 NAG S . 8.74 -11.94 38.42
O7 NAG S . 4.76 -18.40 36.72
C1 NAG S . 7.63 -14.55 41.26
C2 NAG S . 7.81 -13.48 42.31
C3 NAG S . 8.74 -14.00 43.39
C4 NAG S . 8.10 -15.21 44.07
C5 NAG S . 7.90 -16.25 42.96
C6 NAG S . 7.23 -17.50 43.45
C7 NAG S . 7.91 -11.10 42.13
C8 NAG S . 8.58 -9.87 41.55
N2 NAG S . 8.38 -12.29 41.73
O3 NAG S . 9.05 -12.98 44.31
O4 NAG S . 9.04 -15.68 45.05
O5 NAG S . 7.09 -15.73 41.87
O6 NAG S . 5.89 -17.23 43.84
O7 NAG S . 6.96 -11.00 42.92
C1 BMA S . 8.63 -16.41 46.16
C2 BMA S . 9.64 -17.58 46.35
C3 BMA S . 9.46 -18.31 47.69
C4 BMA S . 9.50 -17.26 48.79
C5 BMA S . 8.40 -16.20 48.54
C6 BMA S . 8.23 -15.15 49.61
O2 BMA S . 10.97 -17.09 46.27
O3 BMA S . 10.51 -19.26 47.87
O4 BMA S . 9.34 -17.88 50.05
O5 BMA S . 8.67 -15.53 47.30
O6 BMA S . 9.27 -14.16 49.57
C1 NAG T . 13.23 5.07 42.91
C2 NAG T . 14.00 3.76 43.09
C3 NAG T . 15.37 4.04 43.68
C4 NAG T . 16.12 5.13 42.90
C5 NAG T . 15.20 6.35 42.67
C6 NAG T . 15.79 7.40 41.77
C7 NAG T . 12.35 2.04 43.52
C8 NAG T . 11.58 1.20 44.54
N2 NAG T . 13.27 2.88 43.99
O3 NAG T . 16.14 2.85 43.68
O4 NAG T . 17.28 5.53 43.65
O5 NAG T . 13.96 5.95 42.07
O6 NAG T . 14.99 8.57 41.74
O7 NAG T . 12.10 1.92 42.31
C1 NAG T . 18.50 5.49 43.00
C2 NAG T . 19.51 6.39 43.71
C3 NAG T . 20.83 6.34 42.93
C4 NAG T . 21.32 4.89 42.85
C5 NAG T . 20.23 3.99 42.26
C6 NAG T . 20.62 2.52 42.32
C7 NAG T . 18.69 8.25 44.99
C8 NAG T . 18.16 9.69 45.02
N2 NAG T . 19.01 7.75 43.81
O3 NAG T . 21.81 7.16 43.57
O4 NAG T . 22.50 4.83 42.05
O5 NAG T . 18.98 4.14 42.99
O6 NAG T . 19.78 1.80 43.23
O7 NAG T . 18.78 7.61 46.04
C1 NAG U . 33.89 -7.28 0.10
C2 NAG U . 32.75 -7.35 1.16
C3 NAG U . 31.39 -7.60 0.49
C4 NAG U . 31.15 -6.54 -0.60
C5 NAG U . 32.35 -6.50 -1.60
C6 NAG U . 32.21 -5.36 -2.64
C7 NAG U . 33.42 -8.11 3.35
C8 NAG U . 33.72 -9.27 4.29
N2 NAG U . 33.02 -8.41 2.11
O3 NAG U . 30.35 -7.55 1.46
O4 NAG U . 29.94 -6.83 -1.29
O5 NAG U . 33.59 -6.27 -0.89
O6 NAG U . 33.44 -5.07 -3.30
O7 NAG U . 33.58 -6.95 3.74
C1 NAG V . 41.51 17.39 -1.88
C2 NAG V . 40.58 18.63 -1.79
C3 NAG V . 41.34 19.90 -2.21
C4 NAG V . 42.66 20.03 -1.42
C5 NAG V . 43.48 18.74 -1.54
C6 NAG V . 44.75 18.79 -0.69
C7 NAG V . 38.27 19.08 -2.33
C8 NAG V . 37.07 18.82 -3.25
N2 NAG V . 39.41 18.44 -2.63
O3 NAG V . 40.53 21.04 -2.00
O4 NAG V . 43.41 21.13 -1.93
O5 NAG V . 42.70 17.60 -1.09
O6 NAG V . 45.41 17.53 -0.66
O7 NAG V . 38.15 19.86 -1.38
C1 NAG W . 13.61 -0.81 18.07
C2 NAG W . 13.98 -1.28 16.64
C3 NAG W . 14.48 -2.77 16.61
C4 NAG W . 15.43 -3.10 17.77
C5 NAG W . 14.74 -2.65 19.07
C6 NAG W . 15.49 -2.97 20.34
C7 NAG W . 12.87 -0.42 14.63
C8 NAG W . 11.61 -0.43 13.78
N2 NAG W . 12.83 -1.14 15.75
O3 NAG W . 15.12 -3.06 15.38
O4 NAG W . 15.68 -4.50 17.81
O5 NAG W . 14.56 -1.23 19.05
O6 NAG W . 14.68 -3.79 21.18
O7 NAG W . 13.87 0.23 14.27
C1 NAG X . 9.31 20.21 9.91
C2 NAG X . 8.64 20.39 8.53
C3 NAG X . 8.54 21.89 8.19
C4 NAG X . 7.84 22.64 9.32
C5 NAG X . 8.52 22.34 10.66
C6 NAG X . 7.80 23.00 11.82
C7 NAG X . 8.82 18.83 6.71
C8 NAG X . 9.70 18.11 5.70
N2 NAG X . 9.41 19.69 7.53
O3 NAG X . 7.82 22.07 6.97
O4 NAG X . 7.87 24.04 9.07
O5 NAG X . 8.53 20.91 10.91
O6 NAG X . 8.28 22.52 13.09
O7 NAG X . 7.59 18.60 6.73
C1 NAG Y . -3.88 -19.84 -14.17
C2 NAG Y . -5.10 -20.74 -13.82
C3 NAG Y . -5.83 -21.20 -15.09
C4 NAG Y . -6.19 -19.99 -15.97
C5 NAG Y . -4.93 -19.13 -16.24
C6 NAG Y . -5.25 -17.84 -17.01
C7 NAG Y . -4.92 -21.98 -11.76
C8 NAG Y . -4.40 -23.20 -11.01
N2 NAG Y . -4.67 -21.91 -13.06
O3 NAG Y . -7.00 -21.93 -14.75
O4 NAG Y . -6.76 -20.44 -17.19
O5 NAG Y . -4.30 -18.73 -14.99
O6 NAG Y . -4.20 -16.87 -16.95
O7 NAG Y . -5.54 -21.10 -11.14
C1 NAG Z . -9.98 4.50 -7.80
C2 NAG Z . -11.36 5.16 -7.97
C3 NAG Z . -11.26 6.68 -7.76
C4 NAG Z . -10.59 6.99 -6.41
C5 NAG Z . -9.24 6.25 -6.31
C6 NAG Z . -8.56 6.44 -4.97
C7 NAG Z . -13.21 4.83 -9.48
C8 NAG Z . -13.70 4.51 -10.88
N2 NAG Z . -11.90 4.87 -9.29
O3 NAG Z . -12.55 7.26 -7.79
O4 NAG Z . -10.39 8.40 -6.30
O5 NAG Z . -9.44 4.82 -6.51
O6 NAG Z . -7.39 5.62 -4.85
O7 NAG Z . -14.03 5.05 -8.59
C1 NAG AA . -29.28 -29.15 -7.45
C2 NAG AA . -28.24 -28.84 -8.59
C3 NAG AA . -27.09 -29.89 -8.63
C4 NAG AA . -26.57 -30.27 -7.23
C5 NAG AA . -27.77 -30.65 -6.38
C6 NAG AA . -27.44 -31.13 -4.99
C7 NAG AA . -28.91 -27.76 -10.69
C8 NAG AA . -29.64 -27.93 -12.02
N2 NAG AA . -28.94 -28.83 -9.88
O3 NAG AA . -26.01 -29.39 -9.41
O4 NAG AA . -25.66 -31.37 -7.33
O5 NAG AA . -28.64 -29.52 -6.23
O6 NAG AA . -27.94 -32.45 -4.81
O7 NAG AA . -28.33 -26.70 -10.41
C1 NAG BA . -40.73 -10.01 -12.83
C2 NAG BA . -40.89 -9.57 -14.30
C3 NAG BA . -41.63 -8.22 -14.38
C4 NAG BA . -42.94 -8.30 -13.60
C5 NAG BA . -42.70 -8.80 -12.17
C6 NAG BA . -44.01 -8.97 -11.40
C7 NAG BA . -39.31 -10.12 -16.06
C8 NAG BA . -37.89 -9.99 -16.62
N2 NAG BA . -39.57 -9.46 -14.92
O3 NAG BA . -41.89 -7.87 -15.73
O4 NAG BA . -43.55 -7.02 -13.56
O5 NAG BA . -42.04 -10.09 -12.21
O6 NAG BA . -43.80 -9.67 -10.18
O7 NAG BA . -40.16 -10.78 -16.67
C1 NAG CA . 10.57 32.90 -8.92
C2 NAG CA . 11.82 32.09 -9.35
C3 NAG CA . 12.85 32.99 -10.05
C4 NAG CA . 12.16 33.75 -11.21
C5 NAG CA . 10.91 34.51 -10.71
C6 NAG CA . 10.15 35.18 -11.87
C7 NAG CA . 12.32 30.13 -8.01
C8 NAG CA . 12.96 29.54 -6.77
N2 NAG CA . 12.45 31.45 -8.20
O3 NAG CA . 13.93 32.21 -10.56
O4 NAG CA . 13.09 34.64 -11.80
O5 NAG CA . 10.00 33.59 -10.05
O6 NAG CA . 8.83 35.55 -11.50
O7 NAG CA . 11.70 29.40 -8.78
C1 NAG DA . -9.08 26.43 -24.50
C2 NAG DA . -8.94 26.13 -26.01
C3 NAG DA . -10.36 26.06 -26.65
C4 NAG DA . -11.25 25.07 -25.88
C5 NAG DA . -11.26 25.41 -24.38
C6 NAG DA . -12.04 24.39 -23.57
C7 NAG DA . -7.46 26.87 -27.78
C8 NAG DA . -6.62 27.98 -28.37
N2 NAG DA . -8.15 27.15 -26.66
O3 NAG DA . -10.25 25.66 -28.01
O4 NAG DA . -12.58 25.10 -26.39
O5 NAG DA . -9.91 25.43 -23.86
O6 NAG DA . -11.91 24.62 -22.17
O7 NAG DA . -7.49 25.76 -28.33
C1 NAG EA . 28.61 17.08 -23.09
C2 NAG EA . 28.14 18.51 -22.70
C3 NAG EA . 28.51 18.90 -21.24
C4 NAG EA . 28.26 17.76 -20.24
C5 NAG EA . 28.94 16.51 -20.80
C6 NAG EA . 28.88 15.29 -19.91
C7 NAG EA . 28.00 20.31 -24.36
C8 NAG EA . 28.77 21.30 -25.23
N2 NAG EA . 28.74 19.47 -23.62
O3 NAG EA . 27.76 20.04 -20.83
O4 NAG EA . 28.81 18.10 -18.98
O5 NAG EA . 28.35 16.14 -22.05
O6 NAG EA . 30.19 14.86 -19.59
O7 NAG EA . 26.76 20.31 -24.36
C1 NAG FA . 18.62 19.31 -43.64
C2 NAG FA . 18.66 20.65 -44.38
C3 NAG FA . 17.86 20.55 -45.71
C4 NAG FA . 18.34 19.36 -46.54
C5 NAG FA . 18.33 18.08 -45.68
C6 NAG FA . 18.89 16.89 -46.45
C7 NAG FA . 18.80 22.82 -43.30
C8 NAG FA . 18.18 23.82 -42.35
N2 NAG FA . 18.11 21.70 -43.54
O3 NAG FA . 18.00 21.76 -46.47
O4 NAG FA . 17.50 19.19 -47.67
O5 NAG FA . 19.15 18.27 -44.50
O6 NAG FA . 19.11 15.77 -45.60
O7 NAG FA . 19.89 23.05 -43.83
C1 NAG GA . -38.29 2.30 -31.74
C2 NAG GA . -36.91 2.75 -31.17
C3 NAG GA . -36.93 4.24 -30.78
C4 NAG GA . -37.40 5.08 -31.97
C5 NAG GA . -38.78 4.57 -32.50
C6 NAG GA . -39.24 5.30 -33.77
C7 NAG GA . -35.62 1.02 -30.11
C8 NAG GA . -35.29 0.20 -28.86
N2 NAG GA . -36.56 1.96 -29.99
O3 NAG GA . -35.62 4.65 -30.38
O4 NAG GA . -37.50 6.45 -31.60
O5 NAG GA . -38.70 3.15 -32.84
O6 NAG GA . -40.26 4.59 -34.47
O7 NAG GA . -35.01 0.79 -31.16
C1 NAG HA . -36.00 -1.23 -57.29
C2 NAG HA . -35.13 -0.36 -58.24
C3 NAG HA . -35.47 -0.68 -59.70
C4 NAG HA . -35.36 -2.20 -59.96
C5 NAG HA . -36.20 -2.97 -58.92
C6 NAG HA . -36.06 -4.48 -59.06
C7 NAG HA . -34.41 1.95 -58.24
C8 NAG HA . -34.70 3.41 -57.91
N2 NAG HA . -35.36 1.06 -57.97
O3 NAG HA . -34.60 0.02 -60.57
O4 NAG HA . -35.81 -2.49 -61.27
O5 NAG HA . -35.79 -2.62 -57.58
O6 NAG HA . -36.71 -5.16 -58.00
O7 NAG HA . -33.32 1.65 -58.75
C1 NAG IA . -12.01 11.36 -29.44
C2 NAG IA . -13.54 11.71 -29.39
C3 NAG IA . -14.22 11.18 -28.09
C4 NAG IA . -13.77 9.76 -27.73
C5 NAG IA . -12.25 9.73 -27.71
C6 NAG IA . -11.63 8.43 -27.29
C7 NAG IA . -14.45 13.74 -30.42
C8 NAG IA . -14.59 15.25 -30.33
N2 NAG IA . -13.71 13.16 -29.47
O3 NAG IA . -15.64 11.19 -28.25
O4 NAG IA . -14.27 9.40 -26.44
O5 NAG IA . -11.76 10.01 -29.03
O6 NAG IA . -10.81 8.64 -26.16
O7 NAG IA . -15.01 13.11 -31.34
C1 NAG JA . -10.61 20.90 -50.29
C2 NAG JA . -11.39 22.19 -50.62
C3 NAG JA . -11.19 22.56 -52.09
C4 NAG JA . -9.69 22.67 -52.41
C5 NAG JA . -8.98 21.38 -51.98
C6 NAG JA . -7.47 21.47 -52.20
C7 NAG JA . -13.47 22.82 -49.56
C8 NAG JA . -14.94 22.51 -49.29
N2 NAG JA . -12.80 21.97 -50.33
O3 NAG JA . -11.83 23.80 -52.38
O4 NAG JA . -9.50 22.87 -53.80
O5 NAG JA . -9.21 21.12 -50.57
O6 NAG JA . -6.77 20.36 -51.62
O7 NAG JA . -12.96 23.83 -49.06
C1 NAG KA . -18.53 -13.27 31.62
C2 NAG KA . -18.30 -12.50 32.96
C3 NAG KA . -19.45 -11.49 33.20
C4 NAG KA . -19.58 -10.57 31.98
C5 NAG KA . -19.77 -11.40 30.68
C6 NAG KA . -19.81 -10.52 29.42
C7 NAG KA . -17.05 -13.69 34.65
C8 NAG KA . -17.03 -14.70 35.79
N2 NAG KA . -18.23 -13.43 34.08
O3 NAG KA . -19.18 -10.72 34.37
O4 NAG KA . -20.69 -9.69 32.17
O5 NAG KA . -18.67 -12.34 30.52
O6 NAG KA . -19.60 -11.27 28.22
O7 NAG KA . -16.00 -13.15 34.29
C1 NAG LA . -1.31 -4.39 14.42
C2 NAG LA . -0.86 -2.92 14.29
C3 NAG LA . -0.04 -2.73 12.99
C4 NAG LA . 1.10 -3.77 12.91
C5 NAG LA . 0.55 -5.18 13.10
C6 NAG LA . 1.64 -6.23 13.12
C7 NAG LA . -1.88 -0.78 14.73
C8 NAG LA . -3.15 0.08 14.74
N2 NAG LA . -2.01 -2.03 14.30
O3 NAG LA . 0.50 -1.42 12.95
O4 NAG LA . 1.75 -3.66 11.64
O5 NAG LA . -0.17 -5.28 14.36
O6 NAG LA . 1.12 -7.51 13.47
O7 NAG LA . -0.81 -0.30 15.10
C1 NAG MA . -10.55 5.23 50.91
C2 NAG MA . -11.66 4.76 49.91
C3 NAG MA . -12.40 3.48 50.40
C4 NAG MA . -11.45 2.43 51.00
C5 NAG MA . -10.59 3.13 52.04
C6 NAG MA . -9.64 2.24 52.79
C7 NAG MA . -12.89 6.35 48.51
C8 NAG MA . -13.97 7.44 48.47
N2 NAG MA . -12.63 5.85 49.72
O3 NAG MA . -13.12 2.88 49.32
O4 NAG MA . -12.21 1.39 51.63
O5 NAG MA . -9.79 4.12 51.41
O6 NAG MA . -9.93 2.29 54.17
O7 NAG MA . -12.35 5.98 47.46
C1 NAG NA . -4.55 21.93 36.34
C2 NAG NA . -5.63 22.68 35.52
C3 NAG NA . -4.95 23.70 34.57
C4 NAG NA . -4.00 24.61 35.35
C5 NAG NA . -3.01 23.76 36.17
C6 NAG NA . -2.10 24.63 37.02
C7 NAG NA . -7.76 21.75 34.88
C8 NAG NA . -8.53 20.68 34.12
N2 NAG NA . -6.43 21.74 34.77
O3 NAG NA . -5.92 24.49 33.89
O4 NAG NA . -3.29 25.45 34.45
O5 NAG NA . -3.74 22.87 37.06
O6 NAG NA . -1.37 23.87 37.98
O7 NAG NA . -8.37 22.57 35.57
#